data_6E3H
#
_entry.id   6E3H
#
_cell.length_a   157.269
_cell.length_b   157.269
_cell.length_c   345.167
_cell.angle_alpha   90.00
_cell.angle_beta   90.00
_cell.angle_gamma   120.00
#
_symmetry.space_group_name_H-M   'H 3 2'
#
loop_
_entity.id
_entity.type
_entity.pdbx_description
1 polymer 'Hemagglutinin HA1'
2 polymer 'Hemagglutinin HA2'
3 polymer 'antibody S9-3-37 light chain'
4 polymer 'antibody S9-3-37 heavy chain'
5 branched 2-acetamido-2-deoxy-beta-D-glucopyranose-(1-4)-2-acetamido-2-deoxy-beta-D-glucopyranose
6 branched beta-D-mannopyranose-(1-4)-2-acetamido-2-deoxy-beta-D-glucopyranose-(1-4)-[alpha-L-fucopyranose-(1-6)]2-acetamido-2-deoxy-beta-D-glucopyranose
7 non-polymer 2-acetamido-2-deoxy-beta-D-glucopyranose
8 water water
#
loop_
_entity_poly.entity_id
_entity_poly.type
_entity_poly.pdbx_seq_one_letter_code
_entity_poly.pdbx_strand_id
1 'polypeptide(L)'
;GDQICIGYHANNSTEQVDTIMEKNVTVTHAQDILEKKHNGKLCDLDGVKPLILRDCSVAGWLLGNPMCDEFINVPEWSYI
VEKANPVNDLCYPGDFNDYEELKHLLSRINHFEKIQIIPKSSWSSHEASLGVSSACPYQGKSSFFRNVVWLIKKNSTYPT
IKRSYNNTNQEDLLVLWGIHHPNDAAEQTKLYQNPTTYISVGTSTLNQRLVPRIATRSKVNGQSGRMEFFWTILKPNDAI
NFESNGNFIAPEYAYKIVKKGDSTIMKSELEYGNCNTKCQTPMGAINSSMPFHNIHPLTIGECPKYVKSNRLVLATGLRN
SPQR
;
A
2 'polypeptide(L)'
;GLFGAIAGFIEGGWQGMVDGWYGYHHSNEQGSGYAADKESTQKAIDGVTNKVNSIIDKMNTQFEAVGREFNNLERRIENL
NKKMEDGFLDVWTYNAELLVLMENERTLDFHDSNVKNLYDKVRLQLRDNAKELGNGCFEFYHKCDNECMESVRNGTYDYP
QYSEEARLKREEISS
;
B
3 'polypeptide(L)'
;DVVLTQTPLSSPVTRGQAASISCRSSQSLVHSDGNTYLSWIHQRPGQPPRLLIYKISKRFSGVPDRISGSGAGTEFTLTI
SRVEADDVGMYYCTQASQFPRTFGQGTKLEIKRTVAAPSVFIFPPSDEQLKSGTASVVCLLNNFYPREAKVQWKVDNALQ
SGNSQESVTEQDSKDSTYSLSSTLTLSKADYEKHKLYACEVTHQGLSSPVTKSFNRGEC
;
L
4 'polypeptide(L)'
;QAQLVQSATEVKKPGASVKVSCQASGFTFTSYGFSWVRQAPGQGLEWMGWISAYDAKTKFAEKFQDRVTMSIDTRTTTAY
MEMRNLRFDDTAIYFCAREFRTQIVLGYFDWLEGNAFDMWGQGTTVIVSSASTKGPSVFPLAPSSKSTSGGTAALGCLVK
DYFPEPVTVSWNSGALTSGVHTFPAVLQSSGLYSLSSVVTVPSSSLGTQTYICNVNHKPSNTKVDKKVEPKSC
;
H
#
loop_
_chem_comp.id
_chem_comp.type
_chem_comp.name
_chem_comp.formula
BMA D-saccharide, beta linking beta-D-mannopyranose 'C6 H12 O6'
FUC L-saccharide, alpha linking alpha-L-fucopyranose 'C6 H12 O5'
NAG D-saccharide, beta linking 2-acetamido-2-deoxy-beta-D-glucopyranose 'C8 H15 N O6'
#
# COMPACT_ATOMS: atom_id res chain seq x y z
N GLY A 1 -48.76 10.09 33.93
CA GLY A 1 -48.52 10.87 32.67
C GLY A 1 -47.30 10.38 31.90
N ASP A 2 -47.43 10.31 30.56
CA ASP A 2 -46.35 9.82 29.69
C ASP A 2 -45.15 10.77 29.73
N GLN A 3 -43.94 10.24 29.55
CA GLN A 3 -42.72 11.04 29.70
C GLN A 3 -41.74 10.81 28.55
N ILE A 4 -40.95 11.83 28.24
CA ILE A 4 -39.75 11.70 27.40
C ILE A 4 -38.59 12.40 28.13
N CYS A 5 -37.42 11.79 28.10
CA CYS A 5 -36.26 12.32 28.81
C CYS A 5 -35.08 12.47 27.84
N ILE A 6 -34.31 13.52 28.05
CA ILE A 6 -33.05 13.70 27.37
C ILE A 6 -31.96 13.19 28.30
N GLY A 7 -30.99 12.51 27.72
CA GLY A 7 -29.89 11.92 28.47
C GLY A 7 -28.69 11.65 27.59
N TYR A 8 -27.66 11.07 28.19
CA TYR A 8 -26.40 10.93 27.51
C TYR A 8 -25.78 9.57 27.83
N HIS A 9 -24.76 9.22 27.06
CA HIS A 9 -24.21 7.86 26.99
C HIS A 9 -23.38 7.53 28.23
N ALA A 10 -23.34 6.24 28.52
CA ALA A 10 -22.49 5.66 29.54
C ALA A 10 -22.19 4.21 29.18
N ASN A 11 -21.08 3.69 29.69
CA ASN A 11 -20.58 2.39 29.29
C ASN A 11 -19.62 1.89 30.36
N ASN A 12 -18.89 0.80 30.07
CA ASN A 12 -18.07 0.10 31.06
C ASN A 12 -16.58 0.47 30.87
N SER A 13 -16.32 1.66 30.34
CA SER A 13 -14.97 2.14 30.12
C SER A 13 -14.32 2.55 31.44
N THR A 14 -13.04 2.23 31.57
CA THR A 14 -12.21 2.66 32.68
C THR A 14 -11.06 3.54 32.16
N GLU A 15 -11.18 4.03 30.92
CA GLU A 15 -10.17 4.93 30.36
C GLU A 15 -10.28 6.28 31.07
N GLN A 16 -9.13 6.80 31.52
CA GLN A 16 -9.07 8.02 32.32
C GLN A 16 -8.33 9.11 31.55
N VAL A 17 -8.70 10.37 31.79
CA VAL A 17 -8.01 11.52 31.18
C VAL A 17 -7.88 12.63 32.23
N ASP A 18 -7.01 13.61 31.95
CA ASP A 18 -6.88 14.78 32.81
C ASP A 18 -7.34 16.04 32.06
N THR A 19 -7.79 17.03 32.80
CA THR A 19 -8.06 18.36 32.26
C THR A 19 -7.24 19.37 33.06
N ILE A 20 -7.25 20.63 32.64
CA ILE A 20 -6.59 21.68 33.46
C ILE A 20 -7.15 21.66 34.89
N MET A 21 -8.43 21.35 35.07
CA MET A 21 -9.07 21.57 36.37
C MET A 21 -9.41 20.25 37.07
N GLU A 22 -9.03 19.12 36.50
CA GLU A 22 -9.38 17.84 37.10
C GLU A 22 -8.41 16.75 36.61
N LYS A 23 -8.24 15.72 37.43
CA LYS A 23 -7.35 14.60 37.12
C LYS A 23 -8.10 13.27 37.33
N ASN A 24 -7.65 12.22 36.66
CA ASN A 24 -8.30 10.90 36.74
C ASN A 24 -9.81 11.07 36.53
N VAL A 25 -10.21 11.59 35.37
CA VAL A 25 -11.61 11.65 34.98
C VAL A 25 -11.88 10.47 34.03
N THR A 26 -12.81 9.59 34.41
CA THR A 26 -13.15 8.46 33.56
C THR A 26 -14.06 8.94 32.42
N VAL A 27 -13.83 8.40 31.23
CA VAL A 27 -14.55 8.84 30.05
C VAL A 27 -14.95 7.63 29.21
N THR A 28 -15.90 7.91 28.34
CA THR A 28 -16.59 6.90 27.56
C THR A 28 -15.69 6.37 26.44
N HIS A 29 -14.90 7.30 25.89
CA HIS A 29 -13.95 7.05 24.82
C HIS A 29 -12.74 7.97 24.98
N ALA A 30 -11.57 7.52 24.53
CA ALA A 30 -10.37 8.35 24.56
C ALA A 30 -9.46 7.98 23.37
N GLN A 31 -8.37 8.72 23.20
CA GLN A 31 -7.51 8.57 22.05
C GLN A 31 -6.07 8.87 22.51
N ASP A 32 -5.19 7.89 22.32
CA ASP A 32 -3.76 8.03 22.62
C ASP A 32 -3.12 8.83 21.49
N ILE A 33 -2.30 9.83 21.81
CA ILE A 33 -1.57 10.51 20.74
C ILE A 33 -0.06 10.44 21.02
N LEU A 34 0.38 9.46 21.78
CA LEU A 34 1.81 9.29 22.07
C LEU A 34 2.25 7.89 21.66
N GLU A 35 3.19 7.83 20.71
CA GLU A 35 3.75 6.56 20.30
C GLU A 35 4.72 6.07 21.38
N LYS A 36 4.49 4.85 21.90
CA LYS A 36 5.38 4.28 22.91
C LYS A 36 5.97 2.95 22.43
N LYS A 37 5.67 2.49 21.22
CA LYS A 37 6.07 1.14 20.81
C LYS A 37 7.09 1.20 19.66
N HIS A 38 8.08 0.30 19.76
CA HIS A 38 9.12 0.09 18.75
C HIS A 38 9.32 -1.42 18.52
N ASN A 39 9.76 -1.79 17.32
CA ASN A 39 9.84 -3.22 16.93
C ASN A 39 11.13 -3.87 17.49
N GLY A 40 12.06 -3.07 17.99
CA GLY A 40 13.24 -3.60 18.67
C GLY A 40 14.34 -4.07 17.73
N LYS A 41 14.32 -3.65 16.46
CA LYS A 41 15.37 -4.01 15.51
C LYS A 41 15.72 -2.82 14.61
N LEU A 42 16.81 -2.97 13.87
CA LEU A 42 17.33 -1.97 12.90
C LEU A 42 16.80 -2.30 11.50
N CYS A 43 16.14 -1.33 10.87
CA CYS A 43 15.51 -1.57 9.57
C CYS A 43 16.08 -0.65 8.50
N ASP A 44 15.65 -0.95 7.27
CA ASP A 44 15.87 -0.09 6.13
C ASP A 44 15.19 1.25 6.40
N LEU A 45 15.76 2.31 5.84
CA LEU A 45 15.21 3.64 6.00
C LEU A 45 14.86 4.20 4.61
N ASP A 46 13.57 4.09 4.27
CA ASP A 46 13.03 4.55 2.98
C ASP A 46 13.55 3.65 1.84
N GLY A 47 13.67 2.35 2.12
CA GLY A 47 13.96 1.34 1.11
C GLY A 47 15.45 1.06 0.97
N VAL A 48 16.28 1.75 1.76
CA VAL A 48 17.74 1.65 1.64
C VAL A 48 18.29 1.09 2.95
N LYS A 49 19.08 0.03 2.84
CA LYS A 49 19.57 -0.74 3.99
C LYS A 49 20.63 0.09 4.74
N PRO A 50 20.70 -0.05 6.08
CA PRO A 50 21.83 0.58 6.77
C PRO A 50 23.14 -0.20 6.59
N LEU A 51 24.24 0.50 6.78
CA LEU A 51 25.55 -0.12 6.84
C LEU A 51 25.85 -0.44 8.32
N ILE A 52 25.71 -1.71 8.68
CA ILE A 52 25.96 -2.15 10.04
C ILE A 52 27.38 -2.69 10.11
N LEU A 53 28.24 -2.04 10.88
CA LEU A 53 29.57 -2.55 11.17
C LEU A 53 29.55 -3.19 12.56
N ARG A 54 29.77 -4.50 12.64
CA ARG A 54 29.56 -5.19 13.90
C ARG A 54 30.61 -4.74 14.92
N ASP A 55 31.86 -5.19 14.75
CA ASP A 55 32.90 -4.91 15.72
C ASP A 55 33.94 -3.93 15.15
N CYS A 56 33.59 -3.23 14.06
CA CYS A 56 34.53 -2.31 13.41
C CYS A 56 34.05 -0.87 13.50
N SER A 57 35.05 0.01 13.53
CA SER A 57 34.86 1.43 13.37
C SER A 57 34.90 1.77 11.88
N VAL A 58 34.48 2.97 11.53
CA VAL A 58 34.48 3.39 10.14
C VAL A 58 35.92 3.34 9.63
N ALA A 59 36.86 3.77 10.48
CA ALA A 59 38.28 3.81 10.11
C ALA A 59 38.80 2.40 9.82
N GLY A 60 38.38 1.41 10.62
CA GLY A 60 38.81 0.03 10.41
C GLY A 60 38.34 -0.51 9.07
N TRP A 61 37.08 -0.24 8.76
CA TRP A 61 36.43 -0.73 7.55
C TRP A 61 37.04 -0.07 6.30
N LEU A 62 37.25 1.24 6.36
CA LEU A 62 37.79 1.99 5.24
C LEU A 62 39.19 1.51 4.90
N LEU A 63 40.08 1.51 5.90
CA LEU A 63 41.51 1.24 5.68
C LEU A 63 41.74 -0.26 5.48
N GLY A 64 40.84 -1.08 5.99
CA GLY A 64 40.90 -2.53 5.79
C GLY A 64 41.69 -3.23 6.88
N ASN A 65 41.38 -2.92 8.14
CA ASN A 65 41.91 -3.65 9.30
C ASN A 65 41.68 -5.14 9.02
N PRO A 66 42.73 -5.97 9.13
CA PRO A 66 42.55 -7.38 8.74
C PRO A 66 41.49 -8.12 9.56
N MET A 67 41.12 -7.61 10.73
CA MET A 67 40.03 -8.20 11.54
C MET A 67 38.65 -7.74 11.05
N CYS A 68 38.62 -6.74 10.18
CA CYS A 68 37.37 -6.19 9.64
C CYS A 68 37.05 -6.82 8.28
N ASP A 69 36.38 -7.97 8.30
CA ASP A 69 36.23 -8.80 7.09
C ASP A 69 35.70 -7.94 5.93
N GLU A 70 36.37 -8.04 4.78
CA GLU A 70 35.98 -7.32 3.55
C GLU A 70 34.47 -7.45 3.35
N PHE A 71 33.78 -6.31 3.43
CA PHE A 71 32.30 -6.29 3.48
C PHE A 71 31.75 -6.73 2.11
N ILE A 72 30.49 -7.15 2.12
CA ILE A 72 29.79 -7.64 0.93
C ILE A 72 29.87 -6.55 -0.16
N ASN A 73 30.47 -5.41 0.16
CA ASN A 73 30.63 -4.31 -0.78
C ASN A 73 29.22 -3.79 -1.09
N VAL A 74 28.47 -3.46 -0.03
CA VAL A 74 27.14 -2.88 -0.20
C VAL A 74 27.33 -1.53 -0.90
N PRO A 75 26.70 -1.35 -2.06
CA PRO A 75 27.03 -0.20 -2.90
C PRO A 75 26.33 1.08 -2.44
N GLU A 76 25.41 0.99 -1.47
CA GLU A 76 24.60 2.12 -1.07
C GLU A 76 23.95 1.83 0.29
N TRP A 77 23.88 2.84 1.16
CA TRP A 77 23.18 2.72 2.44
C TRP A 77 22.56 4.07 2.83
N SER A 78 21.74 4.03 3.88
CA SER A 78 20.91 5.18 4.33
C SER A 78 21.49 5.81 5.61
N TYR A 79 22.01 4.97 6.50
CA TYR A 79 22.73 5.43 7.70
C TYR A 79 23.77 4.37 8.11
N ILE A 80 24.61 4.71 9.08
CA ILE A 80 25.64 3.80 9.56
C ILE A 80 25.36 3.45 11.02
N VAL A 81 25.55 2.18 11.35
CA VAL A 81 25.44 1.72 12.73
C VAL A 81 26.79 1.17 13.18
N GLU A 82 27.40 1.89 14.11
CA GLU A 82 28.62 1.51 14.79
C GLU A 82 28.22 0.96 16.18
N LYS A 83 28.95 -0.01 16.70
CA LYS A 83 28.80 -0.35 18.13
C LYS A 83 29.31 0.82 18.98
N ALA A 84 29.06 0.78 20.28
CA ALA A 84 29.44 1.90 21.15
C ALA A 84 30.96 2.00 21.27
N ASN A 85 31.63 0.86 21.45
CA ASN A 85 33.08 0.80 21.58
C ASN A 85 33.62 -0.31 20.67
N PRO A 86 33.73 -0.04 19.37
CA PRO A 86 34.14 -1.05 18.39
C PRO A 86 35.52 -1.60 18.74
N VAL A 87 35.66 -2.92 18.74
CA VAL A 87 36.92 -3.57 19.14
C VAL A 87 38.00 -3.28 18.08
N ASN A 88 37.62 -3.26 16.82
CA ASN A 88 38.57 -3.18 15.71
C ASN A 88 38.52 -1.80 15.05
N ASP A 89 39.28 -0.86 15.62
CA ASP A 89 39.49 0.47 15.06
C ASP A 89 40.82 0.43 14.29
N LEU A 90 41.82 1.18 14.75
CA LEU A 90 43.17 1.10 14.20
C LEU A 90 43.92 0.03 15.01
N CYS A 91 44.36 -1.02 14.31
CA CYS A 91 45.10 -2.12 14.91
C CYS A 91 46.53 -1.66 15.21
N TYR A 92 47.13 -0.94 14.25
CA TYR A 92 48.36 -0.20 14.49
C TYR A 92 47.96 1.20 15.00
N PRO A 93 48.41 1.57 16.20
CA PRO A 93 47.89 2.79 16.86
C PRO A 93 48.16 4.05 16.03
N GLY A 94 47.37 5.10 16.27
CA GLY A 94 47.53 6.34 15.52
C GLY A 94 46.27 7.19 15.51
N ASP A 95 46.17 8.03 14.49
CA ASP A 95 45.11 9.00 14.39
C ASP A 95 44.57 9.01 12.96
N PHE A 96 43.30 9.37 12.83
CA PHE A 96 42.69 9.61 11.53
C PHE A 96 42.35 11.10 11.44
N ASN A 97 42.95 11.80 10.49
CA ASN A 97 42.78 13.23 10.36
C ASN A 97 41.38 13.57 9.83
N ASP A 98 40.73 14.55 10.44
CA ASP A 98 39.33 14.96 10.13
C ASP A 98 38.39 13.75 10.06
N TYR A 99 38.43 12.89 11.09
CA TYR A 99 37.68 11.62 11.09
C TYR A 99 36.17 11.88 11.20
N GLU A 100 35.81 12.73 12.15
CA GLU A 100 34.41 12.97 12.46
C GLU A 100 33.68 13.53 11.23
N GLU A 101 34.35 14.37 10.45
CA GLU A 101 33.75 14.98 9.25
C GLU A 101 33.63 13.96 8.12
N LEU A 102 34.61 13.06 8.02
CA LEU A 102 34.56 11.98 7.00
C LEU A 102 33.44 11.01 7.35
N LYS A 103 33.27 10.75 8.64
CA LYS A 103 32.21 9.88 9.11
C LYS A 103 30.85 10.50 8.75
N HIS A 104 30.73 11.81 8.89
CA HIS A 104 29.47 12.52 8.56
C HIS A 104 29.25 12.57 7.05
N LEU A 105 30.33 12.58 6.29
CA LEU A 105 30.23 12.47 4.85
C LEU A 105 29.69 11.08 4.50
N LEU A 106 30.25 10.05 5.14
CA LEU A 106 29.94 8.66 4.79
C LEU A 106 28.64 8.21 5.46
N SER A 107 28.00 9.06 6.26
CA SER A 107 26.74 8.69 6.92
C SER A 107 25.74 8.11 5.90
N ARG A 108 25.62 8.75 4.73
CA ARG A 108 24.61 8.34 3.74
C ARG A 108 25.20 8.49 2.35
N ILE A 109 25.38 7.36 1.67
CA ILE A 109 26.02 7.35 0.36
C ILE A 109 25.04 6.73 -0.64
N ASN A 110 25.04 7.25 -1.87
CA ASN A 110 24.14 6.76 -2.91
C ASN A 110 24.86 5.71 -3.78
N HIS A 111 26.18 5.79 -3.90
CA HIS A 111 26.98 4.74 -4.54
C HIS A 111 28.38 4.67 -3.92
N PHE A 112 28.88 3.45 -3.73
CA PHE A 112 30.18 3.20 -3.12
C PHE A 112 30.85 2.02 -3.83
N GLU A 113 32.09 2.18 -4.28
CA GLU A 113 32.75 1.11 -5.06
C GLU A 113 34.27 1.17 -4.85
N LYS A 114 34.80 0.13 -4.21
CA LYS A 114 36.23 0.01 -4.00
C LYS A 114 36.89 -0.31 -5.34
N ILE A 115 37.94 0.44 -5.70
CA ILE A 115 38.66 0.24 -6.96
C ILE A 115 40.17 0.32 -6.69
N GLN A 116 40.96 -0.38 -7.51
CA GLN A 116 42.42 -0.30 -7.44
C GLN A 116 42.89 0.96 -8.19
N ILE A 117 43.73 1.79 -7.56
CA ILE A 117 44.31 2.96 -8.24
C ILE A 117 45.84 2.84 -8.32
N ILE A 118 46.52 2.27 -7.32
CA ILE A 118 47.96 2.02 -7.40
C ILE A 118 48.22 0.55 -7.04
N PRO A 119 48.32 -0.32 -8.07
CA PRO A 119 48.54 -1.74 -7.83
C PRO A 119 49.83 -1.99 -7.04
N LYS A 120 49.73 -2.88 -6.06
CA LYS A 120 50.81 -3.25 -5.12
C LYS A 120 52.10 -3.66 -5.87
N SER A 121 51.95 -4.31 -7.02
CA SER A 121 53.07 -4.85 -7.76
C SER A 121 53.78 -3.77 -8.60
N SER A 122 53.25 -2.55 -8.64
CA SER A 122 53.86 -1.49 -9.47
C SER A 122 54.94 -0.71 -8.69
N TRP A 123 55.29 -1.19 -7.49
CA TRP A 123 56.37 -0.58 -6.69
C TRP A 123 57.68 -1.34 -6.94
N SER A 124 58.38 -0.99 -8.01
CA SER A 124 59.52 -1.78 -8.48
C SER A 124 60.83 -1.33 -7.82
N SER A 125 60.85 -0.13 -7.22
CA SER A 125 62.06 0.41 -6.57
C SER A 125 61.99 0.31 -5.05
N HIS A 126 60.84 -0.11 -4.48
CA HIS A 126 60.65 -0.21 -3.02
C HIS A 126 60.08 -1.59 -2.66
N GLU A 127 59.94 -1.87 -1.36
CA GLU A 127 59.49 -3.18 -0.86
C GLU A 127 58.08 -3.06 -0.26
N ALA A 128 57.11 -3.69 -0.92
CA ALA A 128 55.69 -3.51 -0.57
C ALA A 128 55.17 -4.70 0.25
N SER A 129 56.00 -5.68 0.55
CA SER A 129 55.56 -6.94 1.18
C SER A 129 56.18 -7.10 2.59
N LEU A 130 56.90 -6.09 3.04
CA LEU A 130 57.56 -6.12 4.34
C LEU A 130 56.84 -5.14 5.28
N GLY A 131 55.81 -4.45 4.79
CA GLY A 131 55.12 -3.44 5.58
C GLY A 131 54.07 -4.06 6.49
N VAL A 132 54.54 -4.71 7.55
CA VAL A 132 53.73 -5.66 8.31
C VAL A 132 54.10 -5.61 9.80
N SER A 133 53.12 -5.91 10.66
CA SER A 133 53.26 -5.80 12.11
C SER A 133 52.39 -6.83 12.82
N SER A 134 52.79 -7.18 14.04
CA SER A 134 52.04 -8.11 14.89
C SER A 134 50.94 -7.37 15.65
N ALA A 135 50.87 -6.05 15.51
CA ALA A 135 49.75 -5.28 16.02
C ALA A 135 48.51 -5.51 15.14
N CYS A 136 48.73 -5.77 13.86
CA CYS A 136 47.67 -6.11 12.91
C CYS A 136 47.81 -7.57 12.45
N PRO A 137 47.58 -8.53 13.37
CA PRO A 137 47.67 -9.93 13.00
C PRO A 137 46.46 -10.32 12.12
N TYR A 138 46.62 -11.36 11.31
CA TYR A 138 45.48 -11.87 10.57
C TYR A 138 45.31 -13.36 10.93
N GLN A 139 46.00 -14.26 10.24
CA GLN A 139 45.78 -15.70 10.43
C GLN A 139 46.93 -16.31 11.25
N GLY A 140 47.26 -15.69 12.39
CA GLY A 140 48.42 -16.10 13.19
C GLY A 140 49.72 -15.52 12.66
N LYS A 141 49.70 -15.04 11.41
CA LYS A 141 50.82 -14.30 10.81
C LYS A 141 50.59 -12.80 11.06
N SER A 142 51.67 -12.01 10.96
CA SER A 142 51.58 -10.55 11.01
C SER A 142 51.04 -10.02 9.66
N SER A 143 50.34 -8.89 9.70
CA SER A 143 49.66 -8.34 8.52
C SER A 143 49.52 -6.82 8.64
N PHE A 144 48.60 -6.22 7.89
CA PHE A 144 48.39 -4.77 7.90
C PHE A 144 47.03 -4.43 7.28
N PHE A 145 46.66 -3.15 7.39
CA PHE A 145 45.55 -2.58 6.64
C PHE A 145 45.66 -2.99 5.18
N ARG A 146 44.59 -3.56 4.61
CA ARG A 146 44.66 -4.21 3.30
C ARG A 146 44.63 -3.19 2.14
N ASN A 147 44.09 -1.99 2.37
CA ASN A 147 43.80 -1.04 1.28
C ASN A 147 44.88 0.04 1.15
N VAL A 148 45.88 0.01 2.03
CA VAL A 148 47.04 0.89 1.91
C VAL A 148 48.28 0.01 2.07
N VAL A 149 49.43 0.50 1.61
CA VAL A 149 50.67 -0.30 1.59
C VAL A 149 51.77 0.45 2.37
N TRP A 150 52.43 -0.27 3.27
CA TRP A 150 53.49 0.30 4.10
C TRP A 150 54.84 0.06 3.41
N LEU A 151 55.23 1.02 2.58
CA LEU A 151 56.45 0.90 1.75
C LEU A 151 57.70 1.08 2.60
N ILE A 152 58.66 0.20 2.35
CA ILE A 152 59.91 0.08 3.10
C ILE A 152 61.07 0.03 2.10
N LYS A 153 62.25 0.49 2.53
CA LYS A 153 63.43 0.61 1.66
C LYS A 153 63.79 -0.73 0.99
N LYS A 154 64.42 -0.60 -0.17
CA LYS A 154 64.81 -1.73 -1.00
C LYS A 154 66.34 -1.71 -1.13
N ASN A 155 67.00 -2.74 -0.61
CA ASN A 155 68.46 -2.84 -0.65
C ASN A 155 69.10 -1.53 -0.14
N SER A 156 68.66 -1.10 1.05
CA SER A 156 69.25 0.05 1.76
C SER A 156 69.10 1.35 0.93
N THR A 157 67.94 1.59 0.33
CA THR A 157 67.70 2.83 -0.44
C THR A 157 66.19 3.06 -0.65
N TYR A 158 65.72 4.25 -0.28
CA TYR A 158 64.36 4.67 -0.53
C TYR A 158 64.43 5.81 -1.56
N PRO A 159 64.44 5.47 -2.86
CA PRO A 159 64.45 6.52 -3.88
C PRO A 159 63.16 7.33 -3.82
N THR A 160 63.28 8.63 -4.05
CA THR A 160 62.15 9.55 -4.03
C THR A 160 61.03 9.03 -4.93
N ILE A 161 59.85 8.87 -4.35
CA ILE A 161 58.65 8.43 -5.07
C ILE A 161 58.01 9.62 -5.76
N LYS A 162 57.56 9.41 -6.99
CA LYS A 162 56.69 10.34 -7.69
C LYS A 162 55.58 9.54 -8.39
N ARG A 163 54.37 9.62 -7.85
CA ARG A 163 53.29 8.79 -8.33
C ARG A 163 52.02 9.65 -8.46
N SER A 164 51.61 9.83 -9.70
CA SER A 164 50.41 10.57 -10.07
C SER A 164 49.25 9.57 -10.28
N TYR A 165 48.01 10.02 -10.09
CA TYR A 165 46.81 9.22 -10.44
C TYR A 165 45.70 10.15 -10.97
N ASN A 166 45.17 9.84 -12.15
CA ASN A 166 44.15 10.66 -12.81
C ASN A 166 42.77 10.01 -12.63
N ASN A 167 41.78 10.77 -12.16
CA ASN A 167 40.43 10.23 -11.94
C ASN A 167 39.70 10.12 -13.28
N THR A 168 39.91 9.01 -13.97
CA THR A 168 39.29 8.76 -15.27
C THR A 168 37.88 8.16 -15.10
N ASN A 169 37.40 8.10 -13.85
CA ASN A 169 36.03 7.67 -13.54
C ASN A 169 35.06 8.85 -13.71
N GLN A 170 33.78 8.53 -13.61
CA GLN A 170 32.71 9.50 -13.83
C GLN A 170 32.30 10.16 -12.49
N GLU A 171 32.61 9.53 -11.34
CA GLU A 171 32.21 10.12 -10.05
C GLU A 171 33.43 10.40 -9.17
N ASP A 172 33.16 11.07 -8.04
CA ASP A 172 34.19 11.49 -7.07
C ASP A 172 34.90 10.26 -6.50
N LEU A 173 36.16 10.44 -6.10
CA LEU A 173 36.98 9.35 -5.49
C LEU A 173 37.38 9.74 -4.06
N LEU A 174 37.11 8.87 -3.10
CA LEU A 174 37.66 9.02 -1.75
C LEU A 174 39.02 8.34 -1.68
N VAL A 175 40.10 9.10 -1.57
CA VAL A 175 41.41 8.50 -1.48
C VAL A 175 41.96 8.66 -0.05
N LEU A 176 42.64 7.63 0.43
CA LEU A 176 43.23 7.59 1.76
C LEU A 176 44.73 7.28 1.64
N TRP A 177 45.55 8.01 2.38
CA TRP A 177 46.97 7.69 2.55
C TRP A 177 47.35 7.93 4.02
N GLY A 178 48.61 7.68 4.36
CA GLY A 178 49.08 7.92 5.72
C GLY A 178 50.58 8.13 5.80
N ILE A 179 51.02 8.50 7.00
CA ILE A 179 52.43 8.66 7.33
C ILE A 179 52.74 7.80 8.56
N HIS A 180 54.00 7.38 8.67
CA HIS A 180 54.51 6.63 9.83
C HIS A 180 55.41 7.54 10.68
N HIS A 181 54.94 7.88 11.87
CA HIS A 181 55.75 8.54 12.87
C HIS A 181 56.52 7.46 13.64
N PRO A 182 57.83 7.33 13.39
CA PRO A 182 58.63 6.29 14.04
C PRO A 182 59.10 6.69 15.45
N ASN A 183 59.87 5.81 16.09
CA ASN A 183 60.23 5.94 17.50
C ASN A 183 61.51 6.74 17.72
N ASP A 184 62.54 6.48 16.89
CA ASP A 184 63.84 7.16 17.02
C ASP A 184 64.51 7.25 15.64
N ALA A 185 65.61 7.99 15.57
CA ALA A 185 66.37 8.11 14.34
C ALA A 185 66.91 6.73 13.91
N ALA A 186 67.18 5.86 14.88
CA ALA A 186 67.68 4.49 14.62
C ALA A 186 66.62 3.65 13.88
N GLU A 187 65.35 3.83 14.26
CA GLU A 187 64.23 3.14 13.59
C GLU A 187 63.94 3.82 12.24
N GLN A 188 64.10 5.15 12.15
CA GLN A 188 63.88 5.86 10.88
C GLN A 188 64.84 5.30 9.82
N THR A 189 66.10 5.24 10.18
CA THR A 189 67.13 4.81 9.25
C THR A 189 66.89 3.34 8.86
N LYS A 190 66.56 2.50 9.85
CA LYS A 190 66.32 1.08 9.59
C LYS A 190 65.20 0.89 8.57
N LEU A 191 64.13 1.66 8.65
CA LEU A 191 62.93 1.41 7.82
C LEU A 191 63.02 2.12 6.45
N TYR A 192 63.59 3.32 6.40
CA TYR A 192 63.50 4.17 5.19
C TYR A 192 64.85 4.77 4.77
N GLN A 193 65.95 4.41 5.44
CA GLN A 193 67.31 4.90 5.12
C GLN A 193 67.42 6.41 5.36
N ASN A 194 66.71 7.22 4.55
CA ASN A 194 66.87 8.69 4.57
C ASN A 194 66.47 9.24 5.94
N PRO A 195 67.37 10.00 6.60
CA PRO A 195 67.14 10.48 7.97
C PRO A 195 66.03 11.53 8.08
N THR A 196 65.99 12.46 7.14
CA THR A 196 65.01 13.55 7.11
C THR A 196 64.07 13.34 5.93
N THR A 197 62.76 13.21 6.17
CA THR A 197 61.80 12.74 5.14
C THR A 197 60.53 13.62 5.12
N TYR A 198 59.69 13.36 4.10
CA TYR A 198 58.46 14.12 3.86
C TYR A 198 57.52 13.31 2.96
N ILE A 199 56.24 13.66 3.00
CA ILE A 199 55.23 13.26 2.01
C ILE A 199 54.52 14.52 1.51
N SER A 200 54.52 14.75 0.20
CA SER A 200 53.72 15.81 -0.37
C SER A 200 52.54 15.20 -1.11
N VAL A 201 51.39 15.84 -1.00
CA VAL A 201 50.21 15.43 -1.73
C VAL A 201 49.61 16.67 -2.39
N GLY A 202 49.21 16.53 -3.65
CA GLY A 202 48.76 17.67 -4.46
C GLY A 202 47.56 17.32 -5.32
N THR A 203 46.52 18.14 -5.23
CA THR A 203 45.30 17.99 -6.02
C THR A 203 45.05 19.37 -6.66
N SER A 204 43.89 19.61 -7.25
CA SER A 204 43.60 20.97 -7.74
C SER A 204 43.34 21.90 -6.55
N THR A 205 42.99 21.32 -5.41
CA THR A 205 42.71 22.08 -4.20
C THR A 205 43.75 21.75 -3.10
N LEU A 206 44.13 20.49 -2.96
CA LEU A 206 45.00 20.05 -1.86
C LEU A 206 46.45 20.54 -2.06
N ASN A 207 47.08 21.02 -0.98
CA ASN A 207 48.48 21.51 -1.02
C ASN A 207 49.19 21.11 0.30
N GLN A 208 49.59 19.85 0.37
CA GLN A 208 49.93 19.26 1.66
C GLN A 208 51.36 18.69 1.64
N ARG A 209 52.07 18.89 2.74
CA ARG A 209 53.45 18.43 2.89
C ARG A 209 53.66 17.94 4.33
N LEU A 210 53.58 16.63 4.53
CA LEU A 210 53.62 16.02 5.85
C LEU A 210 55.08 15.75 6.25
N VAL A 211 55.32 15.71 7.55
CA VAL A 211 56.66 15.49 8.08
C VAL A 211 56.58 14.53 9.27
N PRO A 212 57.35 13.44 9.23
CA PRO A 212 57.30 12.49 10.34
C PRO A 212 57.77 13.17 11.64
N ARG A 213 57.26 12.65 12.74
CA ARG A 213 57.29 13.35 14.00
C ARG A 213 57.84 12.38 15.06
N ILE A 214 59.12 12.50 15.38
CA ILE A 214 59.74 11.62 16.36
C ILE A 214 59.50 12.17 17.77
N ALA A 215 58.76 11.41 18.55
CA ALA A 215 58.75 11.48 20.01
C ALA A 215 58.87 10.05 20.53
N THR A 216 58.90 9.88 21.85
CA THR A 216 58.93 8.54 22.44
C THR A 216 57.60 8.32 23.17
N ARG A 217 56.97 7.18 22.93
CA ARG A 217 55.55 7.03 23.22
C ARG A 217 55.24 5.68 23.88
N SER A 218 54.17 5.67 24.68
CA SER A 218 53.67 4.47 25.31
C SER A 218 53.25 3.44 24.26
N LYS A 219 53.43 2.18 24.58
CA LYS A 219 53.10 1.09 23.66
C LYS A 219 51.58 0.90 23.63
N VAL A 220 51.03 0.80 22.41
CA VAL A 220 49.63 0.47 22.18
C VAL A 220 49.58 -0.68 21.18
N ASN A 221 49.08 -1.84 21.61
CA ASN A 221 49.20 -3.10 20.84
C ASN A 221 50.68 -3.35 20.51
N GLY A 222 51.55 -3.23 21.51
CA GLY A 222 52.98 -3.53 21.35
C GLY A 222 53.78 -2.41 20.69
N GLN A 223 53.12 -1.42 20.08
CA GLN A 223 53.80 -0.44 19.22
C GLN A 223 53.91 0.92 19.91
N SER A 224 55.09 1.53 19.80
CA SER A 224 55.32 2.92 20.21
C SER A 224 55.31 3.84 18.98
N GLY A 225 55.44 3.29 17.77
CA GLY A 225 55.27 4.08 16.56
C GLY A 225 53.80 4.43 16.35
N ARG A 226 53.54 5.46 15.56
CA ARG A 226 52.16 5.84 15.24
C ARG A 226 51.97 5.96 13.73
N MET A 227 50.74 5.70 13.31
CA MET A 227 50.31 5.80 11.94
C MET A 227 49.22 6.88 11.85
N GLU A 228 49.45 7.93 11.06
CA GLU A 228 48.50 9.07 10.94
C GLU A 228 47.95 9.12 9.51
N PHE A 229 46.62 9.00 9.37
CA PHE A 229 45.99 8.81 8.06
C PHE A 229 45.30 10.10 7.61
N PHE A 230 45.27 10.30 6.29
CA PHE A 230 44.72 11.51 5.68
C PHE A 230 43.84 11.13 4.49
N TRP A 231 42.86 11.97 4.18
CA TRP A 231 41.94 11.66 3.11
C TRP A 231 41.69 12.89 2.25
N THR A 232 41.04 12.67 1.12
CA THR A 232 40.58 13.74 0.26
C THR A 232 39.56 13.18 -0.74
N ILE A 233 38.77 14.09 -1.30
CA ILE A 233 37.87 13.76 -2.40
C ILE A 233 38.55 14.20 -3.70
N LEU A 234 38.66 13.28 -4.64
CA LEU A 234 39.31 13.58 -5.90
C LEU A 234 38.24 13.68 -6.99
N LYS A 235 37.98 14.91 -7.43
CA LYS A 235 36.94 15.18 -8.42
C LYS A 235 37.21 14.39 -9.70
N PRO A 236 36.15 14.11 -10.49
CA PRO A 236 36.33 13.56 -11.83
C PRO A 236 37.26 14.43 -12.68
N ASN A 237 38.27 13.79 -13.28
CA ASN A 237 39.20 14.42 -14.24
C ASN A 237 40.28 15.24 -13.52
N ASP A 238 40.32 15.22 -12.19
CA ASP A 238 41.46 15.76 -11.46
C ASP A 238 42.47 14.62 -11.22
N ALA A 239 43.71 14.99 -10.89
CA ALA A 239 44.75 14.03 -10.55
C ALA A 239 45.33 14.36 -9.18
N ILE A 240 45.83 13.33 -8.52
CA ILE A 240 46.48 13.46 -7.21
C ILE A 240 47.95 13.06 -7.37
N ASN A 241 48.86 13.87 -6.84
CA ASN A 241 50.29 13.67 -7.09
C ASN A 241 51.01 13.48 -5.76
N PHE A 242 51.50 12.27 -5.54
CA PHE A 242 52.25 11.94 -4.34
C PHE A 242 53.75 12.09 -4.61
N GLU A 243 54.48 12.61 -3.63
CA GLU A 243 55.94 12.64 -3.68
C GLU A 243 56.46 12.36 -2.25
N SER A 244 57.29 11.33 -2.12
CA SER A 244 57.75 10.92 -0.79
C SER A 244 59.13 10.27 -0.89
N ASN A 245 60.01 10.63 0.04
CA ASN A 245 61.30 9.99 0.16
C ASN A 245 61.33 9.14 1.43
N GLY A 246 60.18 8.97 2.10
CA GLY A 246 60.08 8.03 3.21
C GLY A 246 58.82 8.19 4.04
N ASN A 247 58.51 7.14 4.79
CA ASN A 247 57.48 7.11 5.84
C ASN A 247 56.07 7.11 5.23
N PHE A 248 55.96 6.76 3.95
CA PHE A 248 54.71 6.92 3.20
C PHE A 248 53.88 5.63 3.29
N ILE A 249 52.66 5.74 3.79
CA ILE A 249 51.69 4.65 3.69
C ILE A 249 50.82 4.95 2.48
N ALA A 250 51.12 4.28 1.36
CA ALA A 250 50.55 4.63 0.07
C ALA A 250 49.21 3.91 -0.12
N PRO A 251 48.34 4.51 -0.93
CA PRO A 251 47.10 3.85 -1.27
C PRO A 251 47.34 2.65 -2.21
N GLU A 252 46.50 1.65 -2.08
CA GLU A 252 46.33 0.67 -3.16
C GLU A 252 44.92 0.82 -3.73
N TYR A 253 43.92 0.79 -2.85
CA TYR A 253 42.52 0.95 -3.24
C TYR A 253 42.03 2.34 -2.86
N ALA A 254 41.03 2.82 -3.59
CA ALA A 254 40.27 4.02 -3.22
C ALA A 254 38.78 3.72 -3.41
N TYR A 255 37.92 4.69 -3.14
CA TYR A 255 36.49 4.47 -3.15
C TYR A 255 35.78 5.48 -4.06
N LYS A 256 34.93 4.98 -4.95
CA LYS A 256 34.03 5.82 -5.72
C LYS A 256 32.82 6.21 -4.86
N ILE A 257 32.43 7.48 -4.88
CA ILE A 257 31.26 7.92 -4.13
C ILE A 257 30.42 8.88 -4.99
N VAL A 258 29.11 8.74 -4.82
CA VAL A 258 28.21 9.80 -5.16
C VAL A 258 27.38 10.04 -3.90
N LYS A 259 27.22 11.31 -3.52
CA LYS A 259 26.51 11.66 -2.31
C LYS A 259 25.28 12.51 -2.69
N LYS A 260 24.08 12.01 -2.45
CA LYS A 260 22.84 12.72 -2.81
C LYS A 260 22.12 13.21 -1.54
N GLY A 261 22.74 13.12 -0.37
CA GLY A 261 22.07 13.45 0.89
C GLY A 261 22.90 13.04 2.10
N ASP A 262 22.40 13.32 3.31
CA ASP A 262 23.16 13.06 4.55
C ASP A 262 22.26 12.49 5.64
N SER A 263 22.89 11.76 6.55
CA SER A 263 22.29 11.33 7.82
C SER A 263 23.38 11.44 8.89
N THR A 264 23.38 10.59 9.91
CA THR A 264 24.43 10.57 10.93
C THR A 264 24.82 9.13 11.25
N ILE A 265 25.75 8.95 12.18
CA ILE A 265 26.08 7.62 12.66
C ILE A 265 25.26 7.32 13.92
N MET A 266 24.61 6.16 13.89
CA MET A 266 23.88 5.68 15.02
C MET A 266 24.77 4.76 15.86
N LYS A 267 24.61 4.85 17.17
CA LYS A 267 25.25 3.92 18.08
C LYS A 267 24.20 2.94 18.58
N SER A 268 24.35 1.66 18.26
CA SER A 268 23.38 0.63 18.64
C SER A 268 24.04 -0.75 18.69
N GLU A 269 23.65 -1.53 19.68
CA GLU A 269 24.16 -2.88 19.88
C GLU A 269 23.26 -3.90 19.17
N LEU A 270 22.20 -3.42 18.50
CA LEU A 270 21.22 -4.30 17.84
C LEU A 270 21.77 -4.81 16.51
N GLU A 271 20.96 -5.62 15.84
CA GLU A 271 21.28 -6.19 14.55
C GLU A 271 20.10 -6.00 13.58
N TYR A 272 20.41 -6.12 12.30
CA TYR A 272 19.45 -5.96 11.20
C TYR A 272 18.30 -6.96 11.36
N GLY A 273 17.09 -6.57 10.96
CA GLY A 273 15.93 -7.46 11.10
C GLY A 273 14.93 -7.40 9.94
N ASN A 274 15.41 -7.04 8.75
CA ASN A 274 14.65 -7.13 7.49
C ASN A 274 13.27 -6.47 7.64
N CYS A 275 13.27 -5.18 7.95
CA CYS A 275 12.05 -4.38 8.04
C CYS A 275 12.29 -3.08 7.28
N ASN A 276 11.36 -2.13 7.37
CA ASN A 276 11.52 -0.83 6.72
C ASN A 276 10.81 0.20 7.60
N THR A 277 11.41 1.37 7.84
CA THR A 277 10.67 2.45 8.53
C THR A 277 10.92 3.80 7.85
N LYS A 278 10.23 4.80 8.37
CA LYS A 278 10.49 6.19 8.06
C LYS A 278 11.32 6.81 9.20
N CYS A 279 11.37 6.13 10.34
CA CYS A 279 11.90 6.65 11.60
C CYS A 279 12.62 5.53 12.36
N GLN A 280 13.89 5.74 12.69
CA GLN A 280 14.72 4.68 13.27
C GLN A 280 15.36 5.13 14.59
N THR A 281 15.23 4.29 15.59
CA THR A 281 15.71 4.55 16.94
C THR A 281 16.78 3.50 17.29
N PRO A 282 17.79 3.89 18.09
CA PRO A 282 18.83 2.98 18.58
C PRO A 282 18.27 1.73 19.27
N MET A 283 17.13 1.89 19.93
CA MET A 283 16.40 0.80 20.56
C MET A 283 15.56 0.01 19.55
N GLY A 284 15.22 0.58 18.41
CA GLY A 284 14.36 -0.10 17.43
C GLY A 284 13.59 0.90 16.58
N ALA A 285 12.77 0.41 15.65
CA ALA A 285 12.14 1.31 14.67
C ALA A 285 10.77 1.76 15.17
N ILE A 286 10.37 2.97 14.75
CA ILE A 286 9.03 3.53 15.01
C ILE A 286 8.29 3.64 13.68
N ASN A 287 7.30 2.79 13.47
CA ASN A 287 6.56 2.83 12.24
C ASN A 287 5.17 3.37 12.57
N SER A 288 5.04 4.69 12.70
CA SER A 288 3.78 5.26 13.18
C SER A 288 3.62 6.74 12.79
N SER A 289 2.39 7.21 12.88
CA SER A 289 1.99 8.52 12.37
C SER A 289 1.36 9.38 13.48
N MET A 290 1.71 9.09 14.73
CA MET A 290 1.34 9.94 15.85
C MET A 290 2.28 11.17 15.86
N PRO A 291 1.90 12.22 16.58
CA PRO A 291 2.69 13.44 16.59
C PRO A 291 3.78 13.50 17.67
N PHE A 292 3.68 12.65 18.70
CA PHE A 292 4.71 12.61 19.73
C PHE A 292 5.12 11.15 20.00
N HIS A 293 6.34 10.99 20.53
CA HIS A 293 6.86 9.68 20.98
C HIS A 293 7.79 9.91 22.18
N ASN A 294 8.00 8.87 22.99
CA ASN A 294 8.81 8.98 24.21
C ASN A 294 9.91 7.91 24.25
N ILE A 295 10.39 7.44 23.10
CA ILE A 295 11.19 6.21 23.05
C ILE A 295 12.67 6.54 23.24
N HIS A 296 13.27 7.26 22.29
CA HIS A 296 14.70 7.61 22.32
C HIS A 296 14.90 8.91 21.54
N PRO A 297 15.76 9.82 22.03
CA PRO A 297 16.00 11.07 21.28
C PRO A 297 16.85 10.91 20.01
N LEU A 298 17.72 9.90 19.93
CA LEU A 298 18.81 9.88 18.92
C LEU A 298 18.31 9.22 17.63
N THR A 299 17.20 9.73 17.09
CA THR A 299 16.49 9.10 15.99
C THR A 299 17.04 9.56 14.63
N ILE A 300 16.74 8.80 13.59
CA ILE A 300 17.06 9.16 12.20
C ILE A 300 15.85 8.87 11.31
N GLY A 301 15.25 9.90 10.72
CA GLY A 301 14.13 9.69 9.81
C GLY A 301 13.08 10.79 9.93
N GLU A 302 11.91 10.52 9.37
CA GLU A 302 10.76 11.40 9.50
C GLU A 302 10.00 10.97 10.76
N CYS A 303 10.41 11.53 11.90
CA CYS A 303 10.03 10.99 13.21
C CYS A 303 8.98 11.87 13.90
N PRO A 304 8.26 11.30 14.88
CA PRO A 304 7.38 12.06 15.75
C PRO A 304 8.21 12.94 16.69
N LYS A 305 7.57 13.92 17.30
CA LYS A 305 8.29 14.86 18.14
C LYS A 305 8.54 14.18 19.50
N TYR A 306 9.76 14.31 20.01
CA TYR A 306 10.17 13.56 21.19
C TYR A 306 9.78 14.33 22.45
N VAL A 307 9.14 13.63 23.39
CA VAL A 307 8.69 14.26 24.62
C VAL A 307 9.06 13.37 25.81
N LYS A 308 9.12 14.01 26.97
CA LYS A 308 9.36 13.32 28.21
C LYS A 308 7.99 13.07 28.86
N SER A 309 7.23 12.15 28.28
CA SER A 309 5.85 11.96 28.65
C SER A 309 5.52 10.47 28.67
N ASN A 310 4.74 10.02 29.64
CA ASN A 310 4.35 8.62 29.71
C ASN A 310 2.99 8.40 29.06
N ARG A 311 2.19 9.47 29.00
CA ARG A 311 0.78 9.36 28.68
C ARG A 311 0.30 10.72 28.15
N LEU A 312 -0.07 10.76 26.87
CA LEU A 312 -0.79 11.88 26.29
C LEU A 312 -2.11 11.34 25.73
N VAL A 313 -3.22 11.51 26.45
CA VAL A 313 -4.48 10.91 26.05
C VAL A 313 -5.57 11.97 25.92
N LEU A 314 -6.11 12.08 24.70
CA LEU A 314 -7.21 12.98 24.41
C LEU A 314 -8.53 12.32 24.78
N ALA A 315 -9.39 13.09 25.44
CA ALA A 315 -10.76 12.72 25.66
C ALA A 315 -11.51 12.84 24.32
N THR A 316 -12.33 11.86 24.00
CA THR A 316 -13.21 11.99 22.84
C THR A 316 -14.68 11.84 23.29
N GLY A 317 -14.97 10.89 24.19
CA GLY A 317 -16.34 10.68 24.72
C GLY A 317 -16.62 11.57 25.92
N LEU A 318 -17.65 11.25 26.70
CA LEU A 318 -18.06 12.14 27.78
C LEU A 318 -17.68 11.53 29.14
N ARG A 319 -17.75 12.35 30.17
CA ARG A 319 -17.64 11.90 31.56
C ARG A 319 -18.45 10.63 31.75
N ASN A 320 -17.87 9.59 32.35
CA ASN A 320 -18.52 8.29 32.46
C ASN A 320 -19.18 8.17 33.84
N SER A 321 -20.29 7.43 33.88
CA SER A 321 -21.11 7.24 35.09
C SER A 321 -20.75 5.91 35.76
N PRO A 322 -20.84 5.83 37.10
CA PRO A 322 -21.35 6.91 37.96
C PRO A 322 -20.31 8.02 38.22
N GLY B 1 -20.16 21.00 35.07
CA GLY B 1 -19.56 21.49 33.80
C GLY B 1 -20.08 22.86 33.44
N LEU B 2 -19.58 23.44 32.36
CA LEU B 2 -19.88 24.84 32.03
C LEU B 2 -21.37 25.03 31.69
N PHE B 3 -22.00 24.02 31.08
CA PHE B 3 -23.32 24.20 30.48
C PHE B 3 -24.42 23.63 31.38
N GLY B 4 -24.05 23.05 32.53
CA GLY B 4 -24.99 22.79 33.61
C GLY B 4 -25.81 21.52 33.42
N ALA B 5 -25.64 20.82 32.31
CA ALA B 5 -26.52 19.70 31.97
C ALA B 5 -25.94 18.36 32.47
N ILE B 6 -24.81 17.95 31.90
CA ILE B 6 -24.15 16.69 32.26
C ILE B 6 -23.65 16.78 33.71
N ALA B 7 -24.03 15.80 34.53
CA ALA B 7 -23.66 15.76 35.95
C ALA B 7 -24.11 17.05 36.64
N GLY B 8 -25.29 17.52 36.25
CA GLY B 8 -25.91 18.73 36.76
C GLY B 8 -27.40 18.51 36.89
N PHE B 9 -28.20 19.13 36.03
CA PHE B 9 -29.66 18.95 36.10
C PHE B 9 -30.06 17.62 35.45
N ILE B 10 -29.15 16.99 34.71
CA ILE B 10 -29.28 15.57 34.36
C ILE B 10 -28.23 14.80 35.18
N GLU B 11 -28.63 14.17 36.28
CA GLU B 11 -27.65 13.46 37.13
C GLU B 11 -27.37 12.08 36.53
N GLY B 12 -26.14 11.87 36.10
CA GLY B 12 -25.68 10.57 35.57
C GLY B 12 -26.17 10.28 34.16
N GLY B 13 -25.36 9.49 33.43
CA GLY B 13 -25.70 9.04 32.08
C GLY B 13 -26.39 7.69 32.09
N TRP B 14 -26.56 7.12 30.89
CA TRP B 14 -27.44 5.97 30.68
C TRP B 14 -26.66 4.80 30.09
N GLN B 15 -26.45 3.79 30.93
CA GLN B 15 -25.81 2.55 30.49
C GLN B 15 -26.68 1.88 29.42
N GLY B 16 -27.97 2.07 29.52
CA GLY B 16 -28.92 1.39 28.64
C GLY B 16 -29.03 2.01 27.26
N MET B 17 -28.37 3.14 27.00
CA MET B 17 -28.40 3.72 25.66
C MET B 17 -27.08 3.43 24.95
N VAL B 18 -27.06 2.33 24.23
CA VAL B 18 -25.82 1.75 23.74
C VAL B 18 -25.45 2.38 22.37
N ASP B 19 -26.44 2.88 21.64
CA ASP B 19 -26.29 3.17 20.21
C ASP B 19 -26.00 4.66 19.96
N GLY B 20 -25.66 5.48 20.96
CA GLY B 20 -25.30 6.89 20.65
C GLY B 20 -24.80 7.65 21.87
N TRP B 21 -24.32 8.87 21.64
CA TRP B 21 -23.75 9.73 22.71
C TRP B 21 -24.87 10.46 23.45
N TYR B 22 -25.86 10.93 22.73
CA TYR B 22 -27.00 11.62 23.35
C TYR B 22 -28.31 11.07 22.76
N GLY B 23 -29.36 11.06 23.57
CA GLY B 23 -30.60 10.52 23.07
C GLY B 23 -31.73 10.66 24.07
N TYR B 24 -32.72 9.77 23.92
CA TYR B 24 -33.96 9.91 24.61
C TYR B 24 -34.30 8.61 25.34
N HIS B 25 -35.15 8.78 26.34
CA HIS B 25 -35.84 7.68 26.98
C HIS B 25 -37.33 8.03 27.09
N HIS B 26 -38.18 7.25 26.44
CA HIS B 26 -39.62 7.51 26.45
C HIS B 26 -40.29 6.51 27.40
N SER B 27 -41.52 6.84 27.78
CA SER B 27 -42.32 6.02 28.68
C SER B 27 -43.81 6.31 28.45
N ASN B 28 -44.54 5.35 27.88
CA ASN B 28 -45.97 5.55 27.59
C ASN B 28 -46.72 4.21 27.77
N GLU B 29 -47.99 4.17 27.39
CA GLU B 29 -48.86 2.98 27.59
C GLU B 29 -48.22 1.74 26.97
N GLN B 30 -47.66 1.88 25.77
CA GLN B 30 -47.15 0.76 24.99
C GLN B 30 -45.91 0.17 25.66
N GLY B 31 -45.09 1.03 26.27
CA GLY B 31 -43.89 0.59 26.98
C GLY B 31 -42.82 1.67 26.96
N SER B 32 -41.75 1.43 27.71
CA SER B 32 -40.62 2.37 27.77
C SER B 32 -39.49 1.89 26.85
N GLY B 33 -38.46 2.70 26.67
CA GLY B 33 -37.36 2.35 25.77
C GLY B 33 -36.40 3.50 25.55
N TYR B 34 -35.21 3.18 25.03
CA TYR B 34 -34.14 4.14 24.75
C TYR B 34 -33.97 4.31 23.24
N ALA B 35 -33.65 5.52 22.82
CA ALA B 35 -33.35 5.80 21.41
C ALA B 35 -32.25 6.86 21.31
N ALA B 36 -31.20 6.56 20.55
CA ALA B 36 -30.12 7.52 20.31
C ALA B 36 -30.61 8.62 19.36
N ASP B 37 -30.26 9.89 19.63
CA ASP B 37 -30.47 10.95 18.64
C ASP B 37 -29.29 10.94 17.69
N LYS B 38 -29.53 10.74 16.40
CA LYS B 38 -28.41 10.45 15.49
C LYS B 38 -27.85 11.75 14.92
N GLU B 39 -28.69 12.77 14.72
CA GLU B 39 -28.23 14.05 14.18
C GLU B 39 -27.14 14.63 15.08
N SER B 40 -27.43 14.73 16.38
CA SER B 40 -26.54 15.42 17.33
C SER B 40 -25.34 14.53 17.71
N THR B 41 -25.53 13.22 17.73
CA THR B 41 -24.39 12.31 17.93
C THR B 41 -23.44 12.37 16.72
N GLN B 42 -23.97 12.43 15.51
CA GLN B 42 -23.10 12.41 14.33
C GLN B 42 -22.34 13.73 14.23
N LYS B 43 -23.02 14.85 14.47
CA LYS B 43 -22.40 16.17 14.50
C LYS B 43 -21.22 16.18 15.47
N ALA B 44 -21.47 15.69 16.68
CA ALA B 44 -20.47 15.67 17.72
C ALA B 44 -19.32 14.73 17.30
N ILE B 45 -19.64 13.58 16.74
CA ILE B 45 -18.56 12.70 16.33
C ILE B 45 -17.80 13.34 15.17
N ASP B 46 -18.45 14.18 14.39
CA ASP B 46 -17.77 14.90 13.31
C ASP B 46 -16.74 15.89 13.89
N GLY B 47 -17.18 16.66 14.90
CA GLY B 47 -16.35 17.70 15.51
C GLY B 47 -15.16 17.10 16.20
N VAL B 48 -15.39 16.11 17.05
CA VAL B 48 -14.34 15.48 17.84
C VAL B 48 -13.36 14.76 16.91
N THR B 49 -13.86 14.06 15.90
CA THR B 49 -12.98 13.48 14.87
C THR B 49 -12.08 14.60 14.33
N ASN B 50 -12.69 15.68 13.86
CA ASN B 50 -11.95 16.80 13.25
C ASN B 50 -10.91 17.32 14.24
N LYS B 51 -11.30 17.48 15.49
CA LYS B 51 -10.38 17.92 16.53
C LYS B 51 -9.16 17.01 16.58
N VAL B 52 -9.39 15.71 16.69
CA VAL B 52 -8.31 14.75 16.89
C VAL B 52 -7.38 14.79 15.67
N ASN B 53 -7.98 14.70 14.49
CA ASN B 53 -7.24 14.71 13.24
C ASN B 53 -6.38 15.97 13.08
N SER B 54 -6.85 17.13 13.54
CA SER B 54 -6.10 18.39 13.37
C SER B 54 -4.88 18.40 14.31
N ILE B 55 -5.09 17.97 15.55
CA ILE B 55 -4.01 17.88 16.52
C ILE B 55 -2.88 17.01 15.97
N ILE B 56 -3.22 16.01 15.17
CA ILE B 56 -2.21 15.12 14.59
C ILE B 56 -1.71 15.68 13.25
N ASP B 57 -2.64 16.01 12.34
CA ASP B 57 -2.35 16.54 10.98
C ASP B 57 -1.35 17.70 11.01
N LYS B 58 -1.66 18.70 11.83
CA LYS B 58 -1.06 20.03 11.70
C LYS B 58 0.42 20.01 12.13
N MET B 59 0.85 18.93 12.78
CA MET B 59 2.24 18.73 13.09
C MET B 59 3.03 18.62 11.78
N ASN B 60 4.07 19.44 11.64
CA ASN B 60 4.97 19.41 10.47
C ASN B 60 6.16 18.48 10.77
N THR B 61 6.38 17.49 9.92
CA THR B 61 7.38 16.44 10.15
C THR B 61 8.44 16.48 9.04
N GLN B 62 9.69 16.72 9.43
CA GLN B 62 10.84 16.88 8.54
C GLN B 62 11.78 15.69 8.75
N PHE B 63 12.67 15.41 7.81
CA PHE B 63 13.73 14.42 8.05
C PHE B 63 14.84 15.07 8.87
N GLU B 64 15.22 14.42 9.98
CA GLU B 64 16.36 14.86 10.79
C GLU B 64 17.17 13.63 11.24
N ALA B 65 18.49 13.76 11.14
CA ALA B 65 19.41 12.75 11.67
C ALA B 65 20.13 13.34 12.90
N VAL B 66 19.90 12.73 14.06
CA VAL B 66 20.45 13.25 15.30
C VAL B 66 21.31 12.15 15.94
N GLY B 67 22.60 12.48 16.12
CA GLY B 67 23.59 11.59 16.74
C GLY B 67 24.56 12.40 17.60
N ARG B 68 25.68 11.78 17.95
CA ARG B 68 26.73 12.48 18.71
C ARG B 68 28.01 12.45 17.86
N GLU B 69 28.22 13.51 17.07
CA GLU B 69 29.27 13.54 16.05
C GLU B 69 30.51 14.32 16.53
N PHE B 70 30.54 14.82 17.77
CA PHE B 70 31.64 15.68 18.21
C PHE B 70 32.62 14.91 19.11
N ASN B 71 33.89 15.28 19.01
CA ASN B 71 34.95 14.54 19.68
C ASN B 71 35.26 15.21 21.01
N ASN B 72 36.37 14.80 21.63
CA ASN B 72 36.65 15.08 23.03
C ASN B 72 37.17 16.52 23.20
N LEU B 73 37.53 17.17 22.09
CA LEU B 73 37.95 18.57 22.10
C LEU B 73 36.92 19.43 21.37
N GLU B 74 35.67 18.97 21.36
CA GLU B 74 34.57 19.72 20.82
C GLU B 74 33.40 19.66 21.81
N ARG B 75 33.73 19.75 23.09
CA ARG B 75 32.74 19.65 24.17
C ARG B 75 31.85 20.91 24.20
N ARG B 76 32.40 22.05 23.78
CA ARG B 76 31.64 23.30 23.75
C ARG B 76 30.54 23.22 22.70
N ILE B 77 30.81 22.65 21.50
CA ILE B 77 29.73 22.47 20.49
C ILE B 77 28.77 21.39 20.99
N GLU B 78 29.30 20.30 21.53
CA GLU B 78 28.45 19.20 22.06
C GLU B 78 27.45 19.78 23.07
N ASN B 79 27.86 20.73 23.90
CA ASN B 79 26.98 21.36 24.91
C ASN B 79 25.99 22.32 24.23
N LEU B 80 26.42 23.03 23.19
CA LEU B 80 25.48 23.83 22.38
C LEU B 80 24.39 22.92 21.81
N ASN B 81 24.76 21.73 21.34
CA ASN B 81 23.77 20.81 20.80
C ASN B 81 22.85 20.33 21.95
N LYS B 82 23.41 20.01 23.12
CA LYS B 82 22.59 19.54 24.23
C LYS B 82 21.56 20.60 24.62
N LYS B 83 21.99 21.86 24.71
CA LYS B 83 21.09 22.93 25.11
C LYS B 83 19.96 23.04 24.09
N MET B 84 20.31 22.87 22.82
CA MET B 84 19.33 22.90 21.74
C MET B 84 18.36 21.71 21.88
N GLU B 85 18.90 20.51 21.91
CA GLU B 85 18.11 19.27 22.00
C GLU B 85 17.16 19.31 23.19
N ASP B 86 17.72 19.58 24.38
CA ASP B 86 17.00 19.64 25.65
C ASP B 86 15.94 20.76 25.61
N GLY B 87 16.27 21.85 24.95
CA GLY B 87 15.39 23.01 24.88
C GLY B 87 14.12 22.69 24.11
N PHE B 88 14.26 22.02 22.98
CA PHE B 88 13.11 21.65 22.16
C PHE B 88 12.27 20.59 22.90
N LEU B 89 12.90 19.70 23.65
CA LEU B 89 12.14 18.68 24.39
C LEU B 89 11.30 19.34 25.50
N ASP B 90 11.86 20.39 26.12
CA ASP B 90 11.12 21.10 27.16
C ASP B 90 9.91 21.77 26.51
N VAL B 91 10.11 22.36 25.33
CA VAL B 91 9.03 23.06 24.59
C VAL B 91 7.97 22.03 24.19
N TRP B 92 8.35 21.01 23.44
CA TRP B 92 7.34 20.05 22.98
C TRP B 92 6.65 19.37 24.17
N THR B 93 7.37 19.10 25.27
CA THR B 93 6.75 18.36 26.40
C THR B 93 5.69 19.24 27.07
N TYR B 94 5.98 20.53 27.22
CA TYR B 94 5.05 21.44 27.85
C TYR B 94 3.82 21.65 26.93
N ASN B 95 4.05 21.87 25.64
CA ASN B 95 2.94 22.17 24.71
C ASN B 95 2.01 20.96 24.63
N ALA B 96 2.57 19.79 24.34
CA ALA B 96 1.79 18.56 24.27
C ALA B 96 0.94 18.38 25.54
N GLU B 97 1.57 18.53 26.70
CA GLU B 97 0.90 18.25 27.95
C GLU B 97 -0.24 19.25 28.17
N LEU B 98 0.02 20.54 27.94
CA LEU B 98 -1.02 21.57 28.15
C LEU B 98 -2.09 21.46 27.07
N LEU B 99 -1.70 21.28 25.81
CA LEU B 99 -2.63 21.06 24.70
C LEU B 99 -3.63 19.96 25.05
N VAL B 100 -3.14 18.84 25.57
CA VAL B 100 -4.03 17.75 25.92
C VAL B 100 -4.90 18.21 27.10
N LEU B 101 -4.30 18.77 28.14
CA LEU B 101 -5.10 19.16 29.31
C LEU B 101 -6.22 20.13 28.91
N MET B 102 -5.89 21.08 28.04
CA MET B 102 -6.79 22.19 27.68
C MET B 102 -7.88 21.70 26.71
N GLU B 103 -7.53 20.86 25.74
CA GLU B 103 -8.54 20.38 24.78
C GLU B 103 -9.40 19.29 25.44
N ASN B 104 -8.89 18.63 26.47
CA ASN B 104 -9.73 17.70 27.24
C ASN B 104 -10.85 18.44 27.99
N GLU B 105 -10.61 19.66 28.47
CA GLU B 105 -11.65 20.43 29.14
C GLU B 105 -12.69 20.86 28.10
N ARG B 106 -12.22 21.29 26.92
CA ARG B 106 -13.13 21.80 25.91
C ARG B 106 -14.00 20.66 25.36
N THR B 107 -13.42 19.47 25.17
CA THR B 107 -14.21 18.31 24.69
C THR B 107 -15.34 17.97 25.69
N LEU B 108 -15.06 17.98 26.99
CA LEU B 108 -16.11 17.62 27.95
C LEU B 108 -17.17 18.72 28.01
N ASP B 109 -16.77 20.00 27.90
CA ASP B 109 -17.75 21.11 27.85
C ASP B 109 -18.57 21.06 26.56
N PHE B 110 -17.97 20.59 25.46
CA PHE B 110 -18.66 20.42 24.19
C PHE B 110 -19.84 19.47 24.37
N HIS B 111 -19.57 18.29 24.96
CA HIS B 111 -20.61 17.29 25.23
C HIS B 111 -21.72 17.88 26.12
N ASP B 112 -21.32 18.62 27.16
CA ASP B 112 -22.24 19.31 28.08
C ASP B 112 -23.16 20.20 27.27
N SER B 113 -22.57 21.05 26.44
CA SER B 113 -23.34 21.95 25.57
C SER B 113 -24.25 21.14 24.64
N ASN B 114 -23.71 20.10 24.01
CA ASN B 114 -24.51 19.28 23.09
C ASN B 114 -25.75 18.72 23.78
N VAL B 115 -25.60 18.21 25.01
CA VAL B 115 -26.73 17.70 25.77
C VAL B 115 -27.68 18.84 26.14
N LYS B 116 -27.17 20.00 26.54
CA LYS B 116 -28.08 21.09 26.94
C LYS B 116 -28.88 21.58 25.73
N ASN B 117 -28.23 21.66 24.56
CA ASN B 117 -28.87 22.10 23.35
C ASN B 117 -29.97 21.12 22.95
N LEU B 118 -29.78 19.82 23.17
CA LEU B 118 -30.78 18.84 22.78
C LEU B 118 -32.01 18.99 23.68
N TYR B 119 -31.78 19.09 24.98
CA TYR B 119 -32.83 19.39 25.94
C TYR B 119 -33.59 20.63 25.47
N ASP B 120 -32.89 21.71 25.12
CA ASP B 120 -33.55 22.94 24.68
C ASP B 120 -34.33 22.68 23.38
N LYS B 121 -33.86 21.76 22.53
CA LYS B 121 -34.55 21.45 21.27
C LYS B 121 -35.93 20.83 21.57
N VAL B 122 -35.97 19.88 22.48
CA VAL B 122 -37.24 19.25 22.85
C VAL B 122 -38.11 20.27 23.60
N ARG B 123 -37.53 21.01 24.53
CA ARG B 123 -38.23 22.07 25.27
C ARG B 123 -39.03 22.94 24.29
N LEU B 124 -38.34 23.47 23.27
CA LEU B 124 -38.93 24.44 22.32
C LEU B 124 -40.03 23.79 21.47
N GLN B 125 -39.95 22.48 21.22
CA GLN B 125 -40.98 21.75 20.47
C GLN B 125 -42.25 21.61 21.30
N LEU B 126 -42.11 21.21 22.57
CA LEU B 126 -43.26 20.79 23.39
C LEU B 126 -43.99 22.00 23.97
N ARG B 127 -43.27 23.10 24.23
CA ARG B 127 -43.86 24.32 24.80
C ARG B 127 -44.61 23.96 26.08
N ASP B 128 -45.90 24.29 26.18
CA ASP B 128 -46.69 24.06 27.39
C ASP B 128 -47.52 22.77 27.23
N ASN B 129 -47.34 22.02 26.14
CA ASN B 129 -48.01 20.72 25.98
C ASN B 129 -47.39 19.70 26.94
N ALA B 130 -46.30 20.05 27.61
CA ALA B 130 -45.71 19.18 28.62
C ALA B 130 -45.18 20.01 29.79
N LYS B 131 -45.24 19.40 30.98
CA LYS B 131 -44.60 19.91 32.18
C LYS B 131 -43.11 19.60 32.11
N GLU B 132 -42.31 20.47 32.70
CA GLU B 132 -40.86 20.39 32.69
C GLU B 132 -40.39 19.93 34.07
N LEU B 133 -40.07 18.64 34.24
CA LEU B 133 -39.85 18.07 35.59
C LEU B 133 -38.52 18.56 36.19
N GLY B 134 -37.59 19.03 35.36
CA GLY B 134 -36.38 19.71 35.86
C GLY B 134 -35.22 18.76 36.07
N ASN B 135 -35.43 17.47 35.82
CA ASN B 135 -34.34 16.50 35.89
C ASN B 135 -34.01 16.01 34.47
N GLY B 136 -34.44 16.73 33.44
CA GLY B 136 -34.13 16.36 32.07
C GLY B 136 -35.32 15.69 31.39
N CYS B 137 -36.40 15.47 32.15
CA CYS B 137 -37.59 14.82 31.63
C CYS B 137 -38.74 15.82 31.46
N PHE B 138 -39.62 15.49 30.52
CA PHE B 138 -40.85 16.21 30.29
C PHE B 138 -42.03 15.28 30.61
N GLU B 139 -42.93 15.70 31.50
CA GLU B 139 -44.20 15.00 31.73
C GLU B 139 -45.25 15.59 30.78
N PHE B 140 -45.78 14.76 29.89
CA PHE B 140 -46.72 15.20 28.87
C PHE B 140 -48.11 15.44 29.48
N TYR B 141 -48.74 16.52 29.03
CA TYR B 141 -50.11 16.83 29.48
C TYR B 141 -51.13 16.11 28.57
N HIS B 142 -50.64 15.30 27.63
CA HIS B 142 -51.51 14.55 26.74
C HIS B 142 -50.96 13.13 26.58
N LYS B 143 -51.73 12.32 25.87
CA LYS B 143 -51.37 10.94 25.61
C LYS B 143 -50.44 10.91 24.39
N CYS B 144 -49.27 10.32 24.55
CA CYS B 144 -48.24 10.40 23.51
C CYS B 144 -47.73 8.97 23.20
N ASP B 145 -48.32 8.38 22.17
CA ASP B 145 -48.01 7.00 21.75
C ASP B 145 -46.62 6.98 21.10
N ASN B 146 -46.26 5.89 20.45
CA ASN B 146 -44.91 5.73 19.95
C ASN B 146 -44.70 6.66 18.75
N GLU B 147 -45.70 6.85 17.89
CA GLU B 147 -45.53 7.69 16.70
C GLU B 147 -45.38 9.17 17.10
N CYS B 148 -45.98 9.54 18.23
CA CYS B 148 -45.82 10.89 18.80
C CYS B 148 -44.40 11.06 19.34
N MET B 149 -43.91 10.07 20.08
CA MET B 149 -42.55 10.14 20.63
C MET B 149 -41.53 10.24 19.49
N GLU B 150 -41.77 9.52 18.39
CA GLU B 150 -40.89 9.55 17.23
C GLU B 150 -40.89 10.98 16.64
N SER B 151 -42.05 11.64 16.66
CA SER B 151 -42.16 12.98 16.12
C SER B 151 -41.36 13.97 16.98
N VAL B 152 -41.25 13.73 18.29
CA VAL B 152 -40.42 14.58 19.15
C VAL B 152 -38.94 14.32 18.83
N ARG B 153 -38.62 13.04 18.68
CA ARG B 153 -37.24 12.63 18.45
C ARG B 153 -36.73 13.05 17.07
N ASN B 154 -37.60 13.29 16.08
CA ASN B 154 -37.11 13.64 14.73
C ASN B 154 -37.52 15.08 14.37
N GLY B 155 -38.04 15.83 15.33
CA GLY B 155 -38.19 17.29 15.19
C GLY B 155 -39.40 17.70 14.37
N THR B 156 -40.47 16.91 14.42
CA THR B 156 -41.67 17.19 13.65
C THR B 156 -42.91 17.14 14.55
N TYR B 157 -42.73 17.34 15.86
CA TYR B 157 -43.85 17.28 16.80
C TYR B 157 -44.87 18.36 16.41
N ASP B 158 -46.14 17.95 16.37
CA ASP B 158 -47.25 18.80 15.97
C ASP B 158 -47.92 19.38 17.21
N TYR B 159 -47.48 20.56 17.65
CA TYR B 159 -48.03 21.20 18.86
C TYR B 159 -49.55 21.41 18.71
N PRO B 160 -50.01 22.09 17.64
CA PRO B 160 -51.45 22.31 17.43
C PRO B 160 -52.33 21.07 17.67
N GLN B 161 -51.97 19.92 17.10
CA GLN B 161 -52.79 18.72 17.21
C GLN B 161 -53.17 18.45 18.67
N TYR B 162 -52.16 18.40 19.55
CA TYR B 162 -52.37 18.02 20.95
C TYR B 162 -52.67 19.24 21.85
N SER B 163 -52.69 20.46 21.29
CA SER B 163 -52.71 21.68 22.11
C SER B 163 -53.94 21.74 23.02
N GLU B 164 -55.10 21.33 22.49
CA GLU B 164 -56.36 21.47 23.22
C GLU B 164 -56.40 20.43 24.35
N GLU B 165 -56.16 19.16 24.00
CA GLU B 165 -56.10 18.07 24.98
C GLU B 165 -55.20 18.48 26.16
N ALA B 166 -54.10 19.18 25.86
CA ALA B 166 -53.12 19.56 26.86
C ALA B 166 -53.69 20.62 27.80
N ARG B 167 -54.36 21.64 27.27
CA ARG B 167 -54.74 22.76 28.13
C ARG B 167 -55.92 22.30 29.03
N LEU B 168 -56.69 21.33 28.58
CA LEU B 168 -57.78 20.78 29.41
C LEU B 168 -57.19 20.01 30.59
N LYS B 169 -56.01 19.44 30.40
CA LYS B 169 -55.33 18.74 31.48
C LYS B 169 -54.62 19.73 32.41
N ARG B 170 -54.19 20.89 31.87
CA ARG B 170 -53.56 21.93 32.70
C ARG B 170 -54.63 22.66 33.53
N GLU B 171 -55.72 23.07 32.87
CA GLU B 171 -56.90 23.63 33.55
C GLU B 171 -57.33 22.70 34.70
N GLU B 172 -57.29 21.39 34.45
CA GLU B 172 -57.75 20.36 35.40
C GLU B 172 -56.83 20.31 36.62
N ILE B 173 -55.53 20.52 36.42
CA ILE B 173 -54.54 20.50 37.51
C ILE B 173 -54.74 21.72 38.41
N SER B 174 -55.32 22.80 37.88
CA SER B 174 -55.68 23.98 38.68
C SER B 174 -56.85 23.66 39.63
N SER B 175 -57.18 22.39 39.79
CA SER B 175 -58.04 21.89 40.88
C SER B 175 -57.31 20.78 41.62
N ASP C 1 4.01 -1.66 4.97
CA ASP C 1 2.77 -2.05 4.24
C ASP C 1 2.22 -3.33 4.87
N VAL C 2 0.90 -3.40 4.94
CA VAL C 2 0.19 -4.58 5.38
C VAL C 2 0.03 -5.50 4.18
N VAL C 3 0.43 -6.76 4.32
CA VAL C 3 0.21 -7.75 3.28
C VAL C 3 -0.99 -8.60 3.71
N LEU C 4 -1.94 -8.82 2.80
CA LEU C 4 -3.06 -9.73 3.04
C LEU C 4 -2.89 -11.01 2.20
N THR C 5 -2.64 -12.13 2.85
CA THR C 5 -2.47 -13.41 2.15
C THR C 5 -3.81 -14.16 2.14
N GLN C 6 -4.48 -14.16 0.98
CA GLN C 6 -5.75 -14.86 0.79
C GLN C 6 -5.53 -16.27 0.25
N THR C 7 -6.30 -17.22 0.76
CA THR C 7 -6.18 -18.62 0.40
C THR C 7 -7.55 -19.30 0.54
N PRO C 8 -7.92 -20.20 -0.37
CA PRO C 8 -7.17 -20.52 -1.59
C PRO C 8 -7.46 -19.52 -2.70
N LEU C 9 -6.73 -19.61 -3.82
CA LEU C 9 -6.99 -18.77 -5.00
C LEU C 9 -8.25 -19.25 -5.70
N SER C 10 -8.48 -20.56 -5.65
CA SER C 10 -9.57 -21.19 -6.38
C SER C 10 -10.41 -22.02 -5.41
N SER C 11 -11.74 -21.85 -5.49
CA SER C 11 -12.66 -22.49 -4.54
C SER C 11 -13.87 -23.07 -5.28
N PRO C 12 -13.70 -24.26 -5.92
CA PRO C 12 -14.84 -25.06 -6.38
C PRO C 12 -15.67 -25.54 -5.18
N VAL C 13 -17.00 -25.34 -5.24
CA VAL C 13 -17.91 -25.68 -4.14
C VAL C 13 -19.19 -26.25 -4.74
N THR C 14 -19.65 -27.41 -4.26
CA THR C 14 -20.90 -28.00 -4.79
C THR C 14 -22.12 -27.19 -4.28
N ARG C 15 -23.10 -26.99 -5.14
CA ARG C 15 -24.32 -26.24 -4.77
C ARG C 15 -24.87 -26.80 -3.45
N GLY C 16 -25.12 -25.92 -2.48
CA GLY C 16 -25.64 -26.32 -1.19
C GLY C 16 -24.55 -26.49 -0.14
N GLN C 17 -23.33 -26.86 -0.54
CA GLN C 17 -22.24 -27.05 0.42
C GLN C 17 -21.62 -25.70 0.82
N ALA C 18 -20.69 -25.74 1.78
CA ALA C 18 -20.11 -24.52 2.37
C ALA C 18 -18.73 -24.24 1.76
N ALA C 19 -18.43 -22.96 1.65
CA ALA C 19 -17.13 -22.48 1.21
C ALA C 19 -16.50 -21.67 2.35
N SER C 20 -15.18 -21.75 2.46
CA SER C 20 -14.47 -21.12 3.55
C SER C 20 -13.22 -20.46 2.99
N ILE C 21 -13.18 -19.14 3.04
CA ILE C 21 -12.05 -18.36 2.50
C ILE C 21 -11.24 -17.78 3.66
N SER C 22 -9.93 -17.79 3.48
CA SER C 22 -9.00 -17.47 4.54
C SER C 22 -8.19 -16.23 4.13
N CYS C 23 -7.94 -15.36 5.11
CA CYS C 23 -7.19 -14.11 4.93
C CYS C 23 -6.27 -13.94 6.14
N ARG C 24 -4.95 -13.92 5.91
CA ARG C 24 -3.95 -13.69 6.96
C ARG C 24 -3.24 -12.37 6.70
N SER C 25 -3.13 -11.53 7.73
CA SER C 25 -2.45 -10.25 7.59
C SER C 25 -1.06 -10.36 8.21
N SER C 26 -0.10 -9.68 7.58
CA SER C 26 1.29 -9.64 8.03
C SER C 26 1.42 -9.02 9.42
N GLN C 27 0.34 -8.42 9.93
CA GLN C 27 0.45 -7.40 10.94
C GLN C 27 -0.95 -7.11 11.50
N SER C 28 -0.99 -6.73 12.78
CA SER C 28 -2.22 -6.31 13.51
C SER C 28 -2.96 -5.20 12.76
N LEU C 29 -4.30 -5.29 12.68
CA LEU C 29 -5.12 -4.30 11.96
C LEU C 29 -6.05 -3.54 12.93
N VAL C 30 -5.66 -3.41 14.19
CA VAL C 30 -6.51 -2.70 15.14
C VAL C 30 -6.29 -1.20 14.95
N HIS C 31 -7.33 -0.49 14.55
CA HIS C 31 -7.24 0.96 14.36
C HIS C 31 -7.15 1.65 15.72
N SER C 32 -6.88 2.96 15.71
CA SER C 32 -6.68 3.72 16.95
C SER C 32 -7.97 3.84 17.78
N ASP C 33 -9.10 3.30 17.28
CA ASP C 33 -10.41 3.44 17.94
C ASP C 33 -10.89 2.08 18.46
N GLY C 34 -10.01 1.07 18.47
CA GLY C 34 -10.40 -0.26 18.90
C GLY C 34 -10.95 -1.11 17.76
N ASN C 35 -11.54 -0.51 16.74
CA ASN C 35 -12.14 -1.29 15.66
C ASN C 35 -11.04 -1.88 14.76
N THR C 36 -11.26 -3.12 14.31
CA THR C 36 -10.43 -3.73 13.27
C THR C 36 -11.13 -3.63 11.90
N TYR C 37 -10.64 -2.77 11.01
CA TYR C 37 -11.36 -2.52 9.76
C TYR C 37 -10.95 -3.53 8.67
N LEU C 38 -11.13 -4.83 8.97
CA LEU C 38 -10.96 -5.92 8.01
C LEU C 38 -12.32 -6.21 7.38
N SER C 39 -12.41 -6.11 6.05
CA SER C 39 -13.67 -6.21 5.32
C SER C 39 -13.59 -7.32 4.26
N TRP C 40 -14.74 -7.87 3.85
CA TRP C 40 -14.80 -8.74 2.66
C TRP C 40 -15.68 -8.11 1.57
N ILE C 41 -15.17 -8.03 0.34
CA ILE C 41 -16.00 -7.59 -0.79
C ILE C 41 -16.14 -8.74 -1.78
N HIS C 42 -17.17 -8.67 -2.61
CA HIS C 42 -17.47 -9.71 -3.61
C HIS C 42 -17.75 -9.06 -4.96
N GLN C 43 -17.21 -9.65 -6.03
CA GLN C 43 -17.33 -9.07 -7.37
C GLN C 43 -17.83 -10.14 -8.35
N ARG C 44 -19.06 -10.00 -8.80
CA ARG C 44 -19.61 -10.89 -9.82
C ARG C 44 -19.03 -10.46 -11.17
N PRO C 45 -18.86 -11.41 -12.11
CA PRO C 45 -18.29 -11.02 -13.38
C PRO C 45 -19.18 -9.99 -14.08
N GLY C 46 -18.60 -8.85 -14.43
CA GLY C 46 -19.30 -7.82 -15.19
C GLY C 46 -20.00 -6.82 -14.29
N GLN C 47 -19.62 -6.75 -13.01
CA GLN C 47 -20.28 -5.84 -12.07
C GLN C 47 -19.24 -5.21 -11.12
N PRO C 48 -19.61 -4.10 -10.48
CA PRO C 48 -18.76 -3.55 -9.44
C PRO C 48 -18.75 -4.46 -8.20
N PRO C 49 -17.67 -4.40 -7.40
CA PRO C 49 -17.69 -5.09 -6.12
C PRO C 49 -18.82 -4.56 -5.22
N ARG C 50 -19.24 -5.41 -4.30
CA ARG C 50 -20.24 -5.08 -3.27
C ARG C 50 -19.72 -5.57 -1.93
N LEU C 51 -19.95 -4.76 -0.90
CA LEU C 51 -19.48 -5.05 0.45
C LEU C 51 -20.31 -6.20 1.05
N LEU C 52 -19.63 -7.18 1.64
CA LEU C 52 -20.32 -8.30 2.29
C LEU C 52 -20.21 -8.18 3.82
N ILE C 53 -18.97 -8.14 4.32
CA ILE C 53 -18.70 -8.03 5.76
C ILE C 53 -17.84 -6.80 6.03
N TYR C 54 -18.15 -6.08 7.10
CA TYR C 54 -17.21 -5.08 7.66
C TYR C 54 -16.91 -5.44 9.11
N LYS C 55 -15.87 -4.80 9.64
CA LYS C 55 -15.41 -4.96 11.03
C LYS C 55 -15.33 -6.44 11.42
N ILE C 56 -14.57 -7.20 10.65
CA ILE C 56 -14.36 -8.65 10.85
C ILE C 56 -15.64 -9.43 10.57
N SER C 57 -16.75 -9.10 11.24
CA SER C 57 -17.86 -10.05 11.41
C SER C 57 -19.25 -9.42 11.21
N LYS C 58 -19.37 -8.16 10.78
CA LYS C 58 -20.69 -7.51 10.68
C LYS C 58 -21.20 -7.60 9.24
N ARG C 59 -22.45 -8.04 9.08
CA ARG C 59 -23.11 -8.15 7.78
C ARG C 59 -23.57 -6.77 7.30
N PHE C 60 -23.18 -6.41 6.08
CA PHE C 60 -23.68 -5.21 5.44
C PHE C 60 -25.17 -5.40 5.15
N SER C 61 -25.90 -4.31 5.01
CA SER C 61 -27.34 -4.39 4.73
C SER C 61 -27.56 -5.20 3.45
N GLY C 62 -28.56 -6.09 3.49
CA GLY C 62 -28.92 -6.90 2.34
C GLY C 62 -28.24 -8.26 2.34
N VAL C 63 -27.21 -8.44 3.14
CA VAL C 63 -26.40 -9.64 3.07
C VAL C 63 -27.02 -10.73 3.96
N PRO C 64 -27.34 -11.91 3.36
CA PRO C 64 -27.94 -13.06 4.05
C PRO C 64 -27.11 -13.54 5.25
N ASP C 65 -27.78 -14.15 6.23
CA ASP C 65 -27.07 -14.63 7.41
C ASP C 65 -26.34 -15.94 7.09
N ARG C 66 -26.49 -16.49 5.89
CA ARG C 66 -25.64 -17.62 5.46
C ARG C 66 -24.21 -17.14 5.14
N ILE C 67 -24.04 -15.85 4.80
CA ILE C 67 -22.70 -15.22 4.64
C ILE C 67 -22.23 -14.76 6.03
N SER C 68 -20.98 -15.07 6.38
CA SER C 68 -20.56 -15.02 7.77
C SER C 68 -19.06 -14.69 7.87
N GLY C 69 -18.70 -13.75 8.75
CA GLY C 69 -17.30 -13.37 8.93
C GLY C 69 -16.82 -13.63 10.35
N SER C 70 -15.55 -14.01 10.49
CA SER C 70 -14.98 -14.27 11.81
C SER C 70 -13.48 -13.94 11.84
N GLY C 71 -12.93 -13.93 13.05
CA GLY C 71 -11.49 -13.87 13.24
C GLY C 71 -11.09 -12.86 14.30
N ALA C 72 -9.78 -12.79 14.50
CA ALA C 72 -9.17 -11.84 15.41
C ALA C 72 -7.69 -11.70 15.04
N GLY C 73 -7.08 -10.58 15.38
CA GLY C 73 -5.63 -10.45 15.30
C GLY C 73 -5.13 -10.40 13.87
N THR C 74 -4.66 -11.55 13.36
CA THR C 74 -4.07 -11.62 12.02
C THR C 74 -4.67 -12.76 11.18
N GLU C 75 -5.60 -13.57 11.69
CA GLU C 75 -6.27 -14.60 10.87
C GLU C 75 -7.77 -14.32 10.82
N PHE C 76 -8.31 -14.25 9.60
CA PHE C 76 -9.70 -13.90 9.37
C PHE C 76 -10.31 -14.91 8.39
N THR C 77 -11.61 -15.16 8.51
CA THR C 77 -12.26 -16.22 7.75
C THR C 77 -13.66 -15.79 7.31
N LEU C 78 -13.89 -15.78 6.00
CA LEU C 78 -15.25 -15.65 5.44
C LEU C 78 -15.78 -17.05 5.12
N THR C 79 -16.97 -17.39 5.59
CA THR C 79 -17.62 -18.63 5.16
C THR C 79 -18.96 -18.29 4.51
N ILE C 80 -19.32 -19.07 3.49
CA ILE C 80 -20.57 -18.96 2.74
C ILE C 80 -21.27 -20.31 2.82
N SER C 81 -22.40 -20.41 3.54
CA SER C 81 -22.73 -21.69 4.18
C SER C 81 -23.72 -22.52 3.35
N ARG C 82 -24.41 -21.95 2.35
CA ARG C 82 -25.02 -22.87 1.34
C ARG C 82 -25.12 -22.14 -0.01
N VAL C 83 -24.18 -22.53 -0.86
CA VAL C 83 -23.74 -21.76 -1.99
C VAL C 83 -24.73 -21.89 -3.15
N GLU C 84 -24.91 -20.79 -3.86
CA GLU C 84 -25.76 -20.73 -5.04
C GLU C 84 -24.96 -20.16 -6.21
N ALA C 85 -25.58 -20.14 -7.39
CA ALA C 85 -24.96 -19.61 -8.59
C ALA C 85 -24.63 -18.12 -8.40
N ASP C 86 -25.47 -17.37 -7.69
CA ASP C 86 -25.25 -15.92 -7.53
C ASP C 86 -24.02 -15.66 -6.65
N ASP C 87 -23.56 -16.67 -5.92
CA ASP C 87 -22.38 -16.54 -5.10
C ASP C 87 -21.09 -16.62 -5.96
N VAL C 88 -21.15 -16.99 -7.25
CA VAL C 88 -19.89 -17.13 -8.04
C VAL C 88 -19.35 -15.74 -8.37
N GLY C 89 -18.03 -15.68 -8.40
CA GLY C 89 -17.30 -14.44 -8.65
C GLY C 89 -16.00 -14.43 -7.86
N MET C 90 -15.45 -13.23 -7.69
CA MET C 90 -14.20 -13.02 -6.97
C MET C 90 -14.52 -12.53 -5.55
N TYR C 91 -13.76 -12.99 -4.56
CA TYR C 91 -13.88 -12.50 -3.19
C TYR C 91 -12.54 -11.93 -2.73
N TYR C 92 -12.57 -10.70 -2.20
CA TYR C 92 -11.36 -10.07 -1.69
C TYR C 92 -11.55 -9.72 -0.22
N CYS C 93 -10.57 -10.04 0.62
CA CYS C 93 -10.47 -9.41 1.94
C CYS C 93 -9.74 -8.08 1.75
N THR C 94 -10.11 -7.09 2.55
CA THR C 94 -9.60 -5.75 2.39
C THR C 94 -9.41 -5.13 3.78
N GLN C 95 -8.46 -4.20 3.94
CA GLN C 95 -8.27 -3.52 5.23
C GLN C 95 -8.23 -2.01 5.01
N ALA C 96 -8.84 -1.29 5.93
CA ALA C 96 -8.92 0.17 5.85
C ALA C 96 -8.68 0.77 7.25
N SER C 97 -7.81 0.12 8.03
CA SER C 97 -7.47 0.64 9.33
C SER C 97 -6.13 1.39 9.22
N GLN C 98 -5.60 1.49 8.01
CA GLN C 98 -4.21 1.90 7.84
C GLN C 98 -3.95 2.24 6.36
N PHE C 99 -3.00 3.12 6.11
CA PHE C 99 -2.58 3.42 4.73
C PHE C 99 -1.16 2.90 4.50
N PRO C 100 -0.83 2.51 3.28
CA PRO C 100 -1.77 2.37 2.15
C PRO C 100 -2.85 1.32 2.38
N ARG C 101 -3.93 1.39 1.61
CA ARG C 101 -5.01 0.39 1.73
C ARG C 101 -4.51 -0.91 1.07
N THR C 102 -5.03 -2.06 1.47
CA THR C 102 -4.59 -3.32 0.86
C THR C 102 -5.78 -4.22 0.55
N PHE C 103 -5.64 -4.99 -0.52
CA PHE C 103 -6.56 -6.05 -0.92
C PHE C 103 -5.81 -7.38 -0.96
N GLY C 104 -6.52 -8.48 -0.76
CA GLY C 104 -5.96 -9.81 -1.01
C GLY C 104 -5.82 -10.07 -2.50
N GLN C 105 -5.21 -11.20 -2.84
CA GLN C 105 -4.99 -11.57 -4.25
C GLN C 105 -6.34 -11.81 -4.93
N GLY C 106 -7.27 -12.37 -4.17
CA GLY C 106 -8.58 -12.73 -4.65
C GLY C 106 -8.81 -14.24 -4.57
N THR C 107 -10.08 -14.61 -4.37
CA THR C 107 -10.51 -16.00 -4.39
C THR C 107 -11.69 -16.13 -5.36
N LYS C 108 -11.53 -16.99 -6.37
CA LYS C 108 -12.57 -17.22 -7.35
C LYS C 108 -13.44 -18.39 -6.90
N LEU C 109 -14.71 -18.09 -6.59
CA LEU C 109 -15.69 -19.11 -6.28
C LEU C 109 -16.34 -19.58 -7.60
N GLU C 110 -16.72 -20.85 -7.60
CA GLU C 110 -17.12 -21.54 -8.80
C GLU C 110 -18.00 -22.73 -8.37
N ILE C 111 -19.04 -23.06 -9.11
CA ILE C 111 -19.89 -24.21 -8.73
C ILE C 111 -19.20 -25.50 -9.19
N LYS C 112 -18.99 -26.43 -8.27
CA LYS C 112 -18.50 -27.78 -8.58
C LYS C 112 -19.69 -28.69 -8.91
N ARG C 113 -19.73 -29.19 -10.13
CA ARG C 113 -20.78 -30.11 -10.54
C ARG C 113 -20.14 -31.42 -11.00
N THR C 114 -20.99 -32.38 -11.38
CA THR C 114 -20.52 -33.67 -11.90
C THR C 114 -19.78 -33.45 -13.22
N VAL C 115 -18.71 -34.21 -13.42
CA VAL C 115 -17.83 -34.02 -14.57
C VAL C 115 -18.65 -34.23 -15.86
N ALA C 116 -18.57 -33.27 -16.78
CA ALA C 116 -19.26 -33.36 -18.07
C ALA C 116 -18.26 -33.10 -19.20
N ALA C 117 -18.25 -33.99 -20.19
CA ALA C 117 -17.27 -33.95 -21.28
C ALA C 117 -17.74 -33.00 -22.38
N PRO C 118 -16.80 -32.34 -23.06
CA PRO C 118 -17.15 -31.36 -24.09
C PRO C 118 -17.55 -31.99 -25.43
N SER C 119 -18.65 -31.51 -26.00
CA SER C 119 -18.95 -31.74 -27.40
C SER C 119 -17.98 -30.90 -28.24
N VAL C 120 -17.05 -31.55 -28.93
CA VAL C 120 -16.03 -30.84 -29.71
C VAL C 120 -16.57 -30.62 -31.14
N PHE C 121 -16.12 -29.53 -31.78
CA PHE C 121 -16.47 -29.18 -33.17
C PHE C 121 -15.32 -28.40 -33.82
N ILE C 122 -14.94 -28.78 -35.06
CA ILE C 122 -13.93 -28.00 -35.81
C ILE C 122 -14.62 -27.21 -36.93
N PHE C 123 -14.04 -26.07 -37.27
CA PHE C 123 -14.59 -25.17 -38.28
C PHE C 123 -13.49 -24.72 -39.24
N PRO C 124 -13.63 -25.03 -40.54
CA PRO C 124 -12.72 -24.52 -41.57
C PRO C 124 -12.93 -23.01 -41.79
N PRO C 125 -11.89 -22.32 -42.30
CA PRO C 125 -12.04 -20.91 -42.64
C PRO C 125 -12.95 -20.77 -43.87
N SER C 126 -13.83 -19.78 -43.84
CA SER C 126 -14.74 -19.51 -44.96
C SER C 126 -13.93 -19.04 -46.17
N ASP C 127 -14.53 -19.15 -47.36
CA ASP C 127 -13.87 -18.74 -48.59
C ASP C 127 -13.65 -17.22 -48.59
N GLU C 128 -14.53 -16.48 -47.92
CA GLU C 128 -14.43 -15.01 -47.84
C GLU C 128 -13.15 -14.61 -47.09
N GLN C 129 -12.78 -15.37 -46.07
CA GLN C 129 -11.61 -15.03 -45.25
C GLN C 129 -10.31 -15.40 -46.00
N LEU C 130 -10.37 -16.42 -46.85
CA LEU C 130 -9.20 -16.81 -47.66
C LEU C 130 -8.92 -15.74 -48.73
N LYS C 131 -9.95 -14.98 -49.11
CA LYS C 131 -9.79 -13.88 -50.06
C LYS C 131 -9.02 -12.72 -49.39
N SER C 132 -9.25 -12.45 -48.10
CA SER C 132 -8.59 -11.31 -47.42
C SER C 132 -7.15 -11.66 -47.01
N GLY C 133 -6.74 -12.93 -47.07
CA GLY C 133 -5.30 -13.26 -46.97
C GLY C 133 -4.94 -14.07 -45.72
N THR C 134 -5.81 -14.13 -44.70
CA THR C 134 -5.50 -14.93 -43.48
C THR C 134 -6.55 -16.01 -43.25
N ALA C 135 -6.21 -16.99 -42.40
CA ALA C 135 -7.06 -18.16 -42.16
C ALA C 135 -7.33 -18.32 -40.67
N SER C 136 -8.62 -18.50 -40.33
CA SER C 136 -9.03 -18.84 -38.98
C SER C 136 -9.61 -20.26 -38.97
N VAL C 137 -8.94 -21.16 -38.25
CA VAL C 137 -9.45 -22.50 -38.02
C VAL C 137 -9.89 -22.58 -36.56
N VAL C 138 -11.19 -22.75 -36.34
CA VAL C 138 -11.78 -22.62 -34.99
C VAL C 138 -12.14 -24.01 -34.45
N CYS C 139 -11.77 -24.24 -33.18
CA CYS C 139 -12.16 -25.43 -32.44
C CYS C 139 -13.06 -25.02 -31.26
N LEU C 140 -14.16 -25.73 -31.07
CA LEU C 140 -15.13 -25.43 -30.01
C LEU C 140 -15.25 -26.64 -29.08
N LEU C 141 -15.16 -26.38 -27.78
CA LEU C 141 -15.47 -27.35 -26.73
C LEU C 141 -16.76 -26.93 -26.04
N ASN C 142 -17.89 -27.53 -26.40
CA ASN C 142 -19.18 -27.03 -25.91
C ASN C 142 -19.61 -27.77 -24.63
N ASN C 143 -19.93 -26.98 -23.61
CA ASN C 143 -20.73 -27.34 -22.42
C ASN C 143 -20.06 -28.47 -21.62
N PHE C 144 -18.89 -28.16 -21.05
CA PHE C 144 -18.12 -29.12 -20.26
C PHE C 144 -17.87 -28.58 -18.83
N TYR C 145 -17.42 -29.48 -17.96
CA TYR C 145 -16.88 -29.18 -16.63
C TYR C 145 -15.99 -30.36 -16.22
N PRO C 146 -14.82 -30.16 -15.59
CA PRO C 146 -14.32 -28.88 -15.08
C PRO C 146 -13.69 -27.97 -16.14
N ARG C 147 -13.19 -26.82 -15.68
CA ARG C 147 -12.63 -25.76 -16.52
C ARG C 147 -11.37 -26.24 -17.26
N GLU C 148 -10.56 -27.09 -16.61
CA GLU C 148 -9.23 -27.44 -17.15
C GLU C 148 -9.38 -28.29 -18.40
N ALA C 149 -8.85 -27.79 -19.51
CA ALA C 149 -8.81 -28.53 -20.77
C ALA C 149 -7.52 -28.22 -21.52
N LYS C 150 -7.19 -29.05 -22.50
CA LYS C 150 -6.00 -28.84 -23.33
C LYS C 150 -6.39 -29.04 -24.80
N VAL C 151 -6.30 -27.96 -25.56
CA VAL C 151 -6.43 -28.03 -27.02
C VAL C 151 -5.02 -28.16 -27.61
N GLN C 152 -4.88 -29.05 -28.58
CA GLN C 152 -3.65 -29.11 -29.37
C GLN C 152 -4.04 -29.13 -30.86
N TRP C 153 -3.50 -28.15 -31.57
CA TRP C 153 -3.67 -28.05 -33.02
C TRP C 153 -2.63 -28.93 -33.72
N LYS C 154 -3.02 -29.57 -34.82
CA LYS C 154 -2.09 -30.35 -35.64
C LYS C 154 -2.33 -30.04 -37.12
N VAL C 155 -1.24 -29.82 -37.83
CA VAL C 155 -1.27 -29.55 -39.27
C VAL C 155 -0.37 -30.59 -39.96
N ASP C 156 -0.99 -31.57 -40.62
CA ASP C 156 -0.28 -32.74 -41.16
C ASP C 156 0.52 -33.41 -40.04
N ASN C 157 -0.13 -33.67 -38.90
CA ASN C 157 0.44 -34.44 -37.77
C ASN C 157 1.60 -33.67 -37.09
N ALA C 158 1.73 -32.38 -37.35
CA ALA C 158 2.79 -31.56 -36.74
C ALA C 158 2.15 -30.63 -35.70
N LEU C 159 2.54 -30.78 -34.43
CA LEU C 159 2.05 -29.92 -33.34
C LEU C 159 2.39 -28.45 -33.64
N GLN C 160 1.38 -27.58 -33.59
CA GLN C 160 1.56 -26.14 -33.75
C GLN C 160 1.89 -25.51 -32.39
N SER C 161 2.32 -24.25 -32.39
CA SER C 161 2.78 -23.63 -31.16
C SER C 161 2.87 -22.11 -31.32
N GLY C 162 2.11 -21.39 -30.49
CA GLY C 162 2.23 -19.94 -30.36
C GLY C 162 1.52 -19.17 -31.47
N ASN C 163 0.55 -19.81 -32.14
CA ASN C 163 -0.17 -19.20 -33.27
C ASN C 163 -1.69 -19.34 -33.09
N SER C 164 -2.14 -19.54 -31.84
CA SER C 164 -3.58 -19.68 -31.53
C SER C 164 -3.86 -19.14 -30.12
N GLN C 165 -5.00 -18.47 -29.98
CA GLN C 165 -5.49 -17.99 -28.68
C GLN C 165 -6.83 -18.68 -28.39
N GLU C 166 -7.12 -18.87 -27.11
CA GLU C 166 -8.41 -19.43 -26.72
C GLU C 166 -9.10 -18.49 -25.73
N SER C 167 -10.43 -18.52 -25.74
CA SER C 167 -11.25 -17.79 -24.79
C SER C 167 -12.30 -18.73 -24.20
N VAL C 168 -12.56 -18.57 -22.90
CA VAL C 168 -13.47 -19.42 -22.15
C VAL C 168 -14.70 -18.58 -21.76
N THR C 169 -15.86 -19.21 -21.71
CA THR C 169 -17.06 -18.52 -21.24
C THR C 169 -17.00 -18.35 -19.72
N GLU C 170 -17.91 -17.52 -19.21
CA GLU C 170 -18.21 -17.54 -17.79
C GLU C 170 -19.01 -18.82 -17.50
N GLN C 171 -18.87 -19.37 -16.30
CA GLN C 171 -19.68 -20.52 -15.88
C GLN C 171 -21.17 -20.20 -16.11
N ASP C 172 -21.94 -21.21 -16.54
CA ASP C 172 -23.39 -21.05 -16.82
C ASP C 172 -24.18 -21.17 -15.51
N SER C 173 -25.28 -20.41 -15.42
CA SER C 173 -26.11 -20.36 -14.22
C SER C 173 -26.85 -21.69 -13.98
N LYS C 174 -27.41 -22.30 -15.02
CA LYS C 174 -28.29 -23.46 -14.82
C LYS C 174 -27.45 -24.75 -14.70
N ASP C 175 -26.62 -25.04 -15.70
CA ASP C 175 -25.97 -26.37 -15.79
C ASP C 175 -24.50 -26.30 -15.34
N SER C 176 -23.99 -25.11 -15.00
CA SER C 176 -22.66 -24.89 -14.38
C SER C 176 -21.51 -25.34 -15.29
N THR C 177 -21.75 -25.39 -16.60
CA THR C 177 -20.73 -25.82 -17.55
C THR C 177 -20.07 -24.60 -18.19
N TYR C 178 -18.89 -24.86 -18.78
CA TYR C 178 -18.14 -23.90 -19.56
C TYR C 178 -18.20 -24.28 -21.04
N SER C 179 -17.89 -23.32 -21.90
CA SER C 179 -17.43 -23.59 -23.27
C SER C 179 -16.07 -22.90 -23.47
N LEU C 180 -15.29 -23.42 -24.40
CA LEU C 180 -13.97 -22.86 -24.70
C LEU C 180 -13.76 -22.86 -26.22
N SER C 181 -13.09 -21.83 -26.68
CA SER C 181 -12.90 -21.58 -28.08
C SER C 181 -11.40 -21.37 -28.36
N SER C 182 -10.78 -22.28 -29.13
CA SER C 182 -9.40 -22.12 -29.59
C SER C 182 -9.39 -21.71 -31.07
N THR C 183 -8.62 -20.67 -31.41
CA THR C 183 -8.61 -20.13 -32.78
C THR C 183 -7.18 -20.14 -33.34
N LEU C 184 -6.96 -21.01 -34.33
CA LEU C 184 -5.68 -21.10 -35.05
C LEU C 184 -5.64 -20.05 -36.15
N THR C 185 -4.55 -19.25 -36.18
CA THR C 185 -4.44 -18.08 -37.05
C THR C 185 -3.22 -18.21 -37.96
N LEU C 186 -3.46 -18.32 -39.28
CA LEU C 186 -2.40 -18.58 -40.29
C LEU C 186 -2.58 -17.65 -41.50
N SER C 187 -1.60 -17.73 -42.40
CA SER C 187 -1.65 -17.01 -43.68
C SER C 187 -2.35 -17.88 -44.73
N LYS C 188 -2.93 -17.21 -45.73
CA LYS C 188 -3.43 -17.87 -46.96
C LYS C 188 -2.29 -18.62 -47.64
N ALA C 189 -1.07 -18.11 -47.48
CA ALA C 189 0.13 -18.77 -47.98
C ALA C 189 0.30 -20.13 -47.30
N ASP C 190 0.33 -20.14 -45.97
CA ASP C 190 0.68 -21.35 -45.20
C ASP C 190 -0.52 -22.30 -45.11
N TYR C 191 -1.74 -21.77 -45.24
CA TYR C 191 -2.95 -22.59 -45.16
C TYR C 191 -3.07 -23.52 -46.38
N GLU C 192 -2.71 -23.00 -47.57
CA GLU C 192 -2.87 -23.76 -48.81
C GLU C 192 -1.65 -24.65 -49.06
N LYS C 193 -0.70 -24.67 -48.11
CA LYS C 193 0.52 -25.50 -48.23
C LYS C 193 0.42 -26.73 -47.33
N HIS C 194 -0.71 -26.95 -46.68
CA HIS C 194 -0.95 -28.18 -45.90
C HIS C 194 -2.34 -28.74 -46.24
N LYS C 195 -2.61 -29.98 -45.81
CA LYS C 195 -3.87 -30.67 -46.16
C LYS C 195 -4.71 -30.95 -44.90
N LEU C 196 -4.14 -31.64 -43.91
CA LEU C 196 -4.92 -32.14 -42.76
C LEU C 196 -4.85 -31.15 -41.60
N TYR C 197 -6.02 -30.62 -41.22
CA TYR C 197 -6.19 -29.83 -40.00
C TYR C 197 -6.95 -30.67 -38.97
N ALA C 198 -6.32 -30.87 -37.81
CA ALA C 198 -6.90 -31.65 -36.73
C ALA C 198 -6.82 -30.87 -35.42
N CYS C 199 -7.82 -31.09 -34.58
CA CYS C 199 -7.90 -30.48 -33.27
C CYS C 199 -8.02 -31.59 -32.23
N GLU C 200 -7.06 -31.68 -31.29
CA GLU C 200 -7.01 -32.79 -30.32
C GLU C 200 -7.23 -32.24 -28.91
N VAL C 201 -8.15 -32.88 -28.17
CA VAL C 201 -8.66 -32.32 -26.90
C VAL C 201 -8.48 -33.36 -25.78
N THR C 202 -7.80 -32.96 -24.70
CA THR C 202 -7.70 -33.75 -23.46
C THR C 202 -8.57 -33.12 -22.37
N HIS C 203 -9.41 -33.94 -21.74
CA HIS C 203 -10.30 -33.50 -20.66
C HIS C 203 -10.46 -34.64 -19.65
N GLN C 204 -10.81 -34.33 -18.42
CA GLN C 204 -11.02 -35.36 -17.40
C GLN C 204 -12.21 -36.25 -17.79
N GLY C 205 -13.24 -35.65 -18.36
CA GLY C 205 -14.50 -36.35 -18.69
C GLY C 205 -14.37 -37.32 -19.87
N LEU C 206 -13.22 -37.29 -20.55
CA LEU C 206 -12.89 -38.26 -21.63
C LEU C 206 -11.78 -39.20 -21.16
N SER C 207 -11.88 -40.48 -21.53
CA SER C 207 -10.82 -41.44 -21.24
C SER C 207 -9.70 -41.31 -22.29
N SER C 208 -10.10 -41.22 -23.56
CA SER C 208 -9.17 -41.02 -24.67
C SER C 208 -9.28 -39.58 -25.19
N PRO C 209 -8.15 -39.01 -25.67
CA PRO C 209 -8.22 -37.75 -26.41
C PRO C 209 -9.19 -37.86 -27.61
N VAL C 210 -10.02 -36.84 -27.78
CA VAL C 210 -10.99 -36.76 -28.88
C VAL C 210 -10.42 -35.83 -29.96
N THR C 211 -10.52 -36.26 -31.22
CA THR C 211 -9.99 -35.52 -32.35
C THR C 211 -11.08 -35.30 -33.40
N LYS C 212 -11.45 -34.04 -33.61
CA LYS C 212 -12.17 -33.63 -34.81
C LYS C 212 -11.15 -33.08 -35.80
N SER C 213 -11.41 -33.29 -37.09
CA SER C 213 -10.46 -32.91 -38.14
C SER C 213 -11.17 -32.78 -39.49
N PHE C 214 -10.49 -32.16 -40.44
CA PHE C 214 -10.98 -32.07 -41.82
C PHE C 214 -9.77 -31.91 -42.76
N ASN C 215 -9.96 -32.28 -44.02
CA ASN C 215 -8.98 -32.03 -45.08
C ASN C 215 -9.35 -30.73 -45.81
N ARG C 216 -8.36 -29.94 -46.21
CA ARG C 216 -8.60 -28.67 -46.91
C ARG C 216 -9.33 -28.95 -48.24
N GLY C 217 -10.34 -28.13 -48.54
CA GLY C 217 -11.03 -28.17 -49.83
C GLY C 217 -12.09 -29.25 -49.95
N GLU C 218 -12.16 -30.17 -48.98
CA GLU C 218 -13.08 -31.31 -49.04
C GLU C 218 -14.22 -31.12 -48.02
N CYS C 219 -15.27 -30.41 -48.43
CA CYS C 219 -16.42 -30.13 -47.54
C CYS C 219 -17.72 -30.42 -48.29
N GLN D 1 -31.62 8.15 -4.48
CA GLN D 1 -30.83 7.10 -3.76
C GLN D 1 -29.33 7.41 -3.87
N ALA D 2 -28.61 7.03 -2.83
CA ALA D 2 -27.19 7.28 -2.73
C ALA D 2 -26.46 6.45 -3.79
N GLN D 3 -25.56 7.08 -4.55
CA GLN D 3 -25.04 6.48 -5.75
C GLN D 3 -23.68 7.09 -6.12
N LEU D 4 -22.88 6.34 -6.88
CA LEU D 4 -21.66 6.86 -7.51
C LEU D 4 -21.70 6.51 -9.00
N VAL D 5 -21.67 7.54 -9.85
CA VAL D 5 -21.73 7.37 -11.30
C VAL D 5 -20.42 7.87 -11.90
N GLN D 6 -19.63 6.97 -12.46
CA GLN D 6 -18.35 7.38 -13.09
C GLN D 6 -18.56 7.78 -14.56
N SER D 7 -17.51 8.35 -15.13
CA SER D 7 -17.51 8.87 -16.49
C SER D 7 -17.46 7.70 -17.50
N ALA D 8 -17.69 8.04 -18.77
CA ALA D 8 -17.76 7.05 -19.84
C ALA D 8 -16.36 6.55 -20.21
N THR D 9 -16.29 5.55 -21.10
CA THR D 9 -15.01 4.90 -21.37
C THR D 9 -14.12 5.87 -22.15
N GLU D 10 -12.82 5.60 -22.08
CA GLU D 10 -11.80 6.45 -22.65
C GLU D 10 -10.86 5.58 -23.47
N VAL D 11 -10.68 5.93 -24.73
CA VAL D 11 -9.70 5.28 -25.57
C VAL D 11 -8.57 6.29 -25.76
N LYS D 12 -7.38 5.94 -25.28
CA LYS D 12 -6.27 6.87 -25.25
C LYS D 12 -5.06 6.24 -25.94
N LYS D 13 -4.12 7.08 -26.38
CA LYS D 13 -2.90 6.59 -27.03
C LYS D 13 -1.75 6.59 -26.00
N PRO D 14 -0.70 5.77 -26.23
CA PRO D 14 0.42 5.74 -25.29
C PRO D 14 1.06 7.12 -25.17
N GLY D 15 1.40 7.52 -23.95
CA GLY D 15 1.96 8.85 -23.69
C GLY D 15 0.89 9.86 -23.30
N ALA D 16 -0.34 9.66 -23.77
CA ALA D 16 -1.43 10.57 -23.45
C ALA D 16 -1.81 10.44 -21.97
N SER D 17 -2.82 11.22 -21.58
CA SER D 17 -3.31 11.22 -20.21
C SER D 17 -4.86 11.15 -20.21
N VAL D 18 -5.43 10.73 -19.08
CA VAL D 18 -6.89 10.53 -18.94
C VAL D 18 -7.32 11.10 -17.60
N LYS D 19 -8.57 11.57 -17.52
CA LYS D 19 -9.12 12.08 -16.25
C LYS D 19 -10.53 11.48 -16.03
N VAL D 20 -10.61 10.43 -15.23
CA VAL D 20 -11.87 9.77 -14.92
C VAL D 20 -12.59 10.53 -13.81
N SER D 21 -13.90 10.72 -13.95
CA SER D 21 -14.68 11.41 -12.91
C SER D 21 -15.62 10.40 -12.22
N CYS D 22 -16.06 10.80 -11.04
CA CYS D 22 -16.96 10.01 -10.20
C CYS D 22 -17.91 10.96 -9.49
N GLN D 23 -19.19 10.94 -9.85
CA GLN D 23 -20.12 11.90 -9.27
C GLN D 23 -20.96 11.22 -8.18
N ALA D 24 -20.83 11.74 -6.97
CA ALA D 24 -21.67 11.35 -5.87
C ALA D 24 -23.02 12.07 -5.95
N SER D 25 -24.06 11.35 -5.55
CA SER D 25 -25.40 11.92 -5.40
C SER D 25 -26.17 11.14 -4.33
N GLY D 26 -27.06 11.84 -3.61
CA GLY D 26 -27.96 11.20 -2.66
C GLY D 26 -27.39 11.09 -1.25
N PHE D 27 -26.14 11.50 -1.04
CA PHE D 27 -25.55 11.48 0.32
C PHE D 27 -24.65 12.71 0.52
N THR D 28 -24.21 12.95 1.74
CA THR D 28 -23.39 14.13 2.00
C THR D 28 -21.96 13.85 1.51
N PHE D 29 -21.58 14.53 0.44
CA PHE D 29 -20.30 14.30 -0.19
C PHE D 29 -19.16 14.50 0.82
N THR D 30 -19.24 15.54 1.66
CA THR D 30 -18.12 15.91 2.56
C THR D 30 -18.04 14.99 3.80
N SER D 31 -18.98 14.06 3.93
CA SER D 31 -18.92 13.08 5.00
C SER D 31 -18.07 11.87 4.61
N TYR D 32 -17.46 11.86 3.42
CA TYR D 32 -16.80 10.65 2.93
C TYR D 32 -15.43 10.92 2.30
N GLY D 33 -14.63 9.86 2.22
CA GLY D 33 -13.43 9.81 1.41
C GLY D 33 -13.61 8.87 0.24
N PHE D 34 -12.61 8.79 -0.65
CA PHE D 34 -12.72 8.01 -1.91
C PHE D 34 -11.37 7.40 -2.30
N SER D 35 -11.35 6.08 -2.34
CA SER D 35 -10.23 5.30 -2.84
C SER D 35 -10.49 4.99 -4.32
N TRP D 36 -9.44 5.07 -5.12
CA TRP D 36 -9.51 4.61 -6.49
C TRP D 36 -8.85 3.23 -6.60
N VAL D 37 -9.53 2.32 -7.28
CA VAL D 37 -9.12 0.93 -7.34
C VAL D 37 -9.20 0.48 -8.81
N ARG D 38 -8.21 -0.25 -9.30
CA ARG D 38 -8.31 -0.66 -10.70
C ARG D 38 -8.30 -2.20 -10.82
N GLN D 39 -8.88 -2.62 -11.93
CA GLN D 39 -8.98 -4.02 -12.30
C GLN D 39 -8.50 -4.15 -13.74
N ALA D 40 -7.27 -4.64 -13.90
CA ALA D 40 -6.72 -4.90 -15.22
C ALA D 40 -7.24 -6.25 -15.70
N PRO D 41 -7.36 -6.46 -17.03
CA PRO D 41 -7.89 -7.71 -17.61
C PRO D 41 -7.23 -8.96 -17.01
N GLY D 42 -8.00 -9.79 -16.33
CA GLY D 42 -7.50 -11.03 -15.74
C GLY D 42 -6.85 -10.84 -14.37
N GLN D 43 -6.65 -9.59 -13.96
CA GLN D 43 -5.94 -9.28 -12.71
C GLN D 43 -6.95 -8.98 -11.59
N GLY D 44 -6.46 -9.06 -10.37
CA GLY D 44 -7.24 -8.74 -9.18
C GLY D 44 -7.17 -7.27 -8.90
N LEU D 45 -7.91 -6.82 -7.90
CA LEU D 45 -8.06 -5.39 -7.62
C LEU D 45 -6.76 -4.83 -7.05
N GLU D 46 -6.48 -3.57 -7.41
CA GLU D 46 -5.23 -2.90 -7.07
C GLU D 46 -5.55 -1.46 -6.62
N TRP D 47 -5.19 -1.13 -5.38
CA TRP D 47 -5.45 0.19 -4.78
C TRP D 47 -4.52 1.24 -5.39
N MET D 48 -5.05 2.41 -5.73
CA MET D 48 -4.26 3.42 -6.44
C MET D 48 -4.04 4.67 -5.59
N GLY D 49 -4.88 4.90 -4.58
CA GLY D 49 -4.79 6.09 -3.73
C GLY D 49 -6.15 6.53 -3.24
N TRP D 50 -6.17 7.53 -2.37
CA TRP D 50 -7.37 7.92 -1.61
C TRP D 50 -7.47 9.45 -1.53
N ILE D 51 -8.69 9.99 -1.48
CA ILE D 51 -8.80 11.43 -1.28
C ILE D 51 -10.05 11.76 -0.46
N SER D 52 -9.86 12.62 0.54
CA SER D 52 -10.95 13.04 1.43
C SER D 52 -11.77 14.14 0.77
N ALA D 53 -13.09 13.99 0.79
CA ALA D 53 -13.97 15.03 0.27
C ALA D 53 -14.26 16.07 1.35
N TYR D 54 -13.72 15.90 2.54
CA TYR D 54 -13.90 16.88 3.62
C TYR D 54 -12.69 17.82 3.65
N ASP D 55 -11.54 17.25 3.34
CA ASP D 55 -10.22 17.78 3.65
C ASP D 55 -9.48 18.17 2.37
N ALA D 56 -9.65 17.35 1.33
CA ALA D 56 -8.87 17.38 0.05
C ALA D 56 -7.54 16.64 0.23
N LYS D 57 -7.40 15.92 1.34
CA LYS D 57 -6.14 15.31 1.75
C LYS D 57 -5.97 13.99 0.99
N THR D 58 -4.77 13.74 0.48
CA THR D 58 -4.50 12.58 -0.37
C THR D 58 -3.57 11.59 0.33
N LYS D 59 -3.66 10.36 -0.16
CA LYS D 59 -2.79 9.26 0.21
C LYS D 59 -2.58 8.44 -1.06
N PHE D 60 -1.36 7.92 -1.25
CA PHE D 60 -0.92 7.41 -2.56
C PHE D 60 -0.32 6.01 -2.46
N ALA D 61 -0.43 5.27 -3.56
CA ALA D 61 0.21 3.96 -3.69
C ALA D 61 1.61 4.13 -4.28
N GLU D 62 2.55 3.28 -3.86
CA GLU D 62 3.92 3.33 -4.36
C GLU D 62 3.91 3.40 -5.90
N LYS D 63 3.20 2.48 -6.54
CA LYS D 63 3.28 2.28 -8.00
C LYS D 63 2.76 3.50 -8.78
N PHE D 64 1.79 4.24 -8.24
CA PHE D 64 1.13 5.33 -8.99
C PHE D 64 1.50 6.71 -8.44
N GLN D 65 2.22 6.76 -7.32
CA GLN D 65 2.65 8.00 -6.63
C GLN D 65 2.90 9.15 -7.63
N ASP D 66 3.60 8.89 -8.72
CA ASP D 66 4.14 9.95 -9.59
C ASP D 66 3.15 10.32 -10.69
N ARG D 67 2.53 9.34 -11.36
CA ARG D 67 1.78 9.61 -12.60
C ARG D 67 0.26 9.72 -12.34
N VAL D 68 -0.18 9.74 -11.09
CA VAL D 68 -1.61 9.87 -10.80
C VAL D 68 -1.84 11.10 -9.89
N THR D 69 -2.92 11.82 -10.13
CA THR D 69 -3.33 12.97 -9.30
C THR D 69 -4.85 12.92 -9.05
N MET D 70 -5.22 13.00 -7.78
CA MET D 70 -6.62 13.00 -7.41
C MET D 70 -7.02 14.41 -6.99
N SER D 71 -8.30 14.71 -7.12
CA SER D 71 -8.79 16.03 -6.84
C SER D 71 -10.28 15.93 -6.58
N ILE D 72 -10.89 17.06 -6.27
CA ILE D 72 -12.24 17.06 -5.78
C ILE D 72 -12.90 18.40 -6.13
N ASP D 73 -14.18 18.33 -6.48
CA ASP D 73 -14.96 19.54 -6.75
C ASP D 73 -16.24 19.44 -5.90
N THR D 74 -16.23 20.12 -4.76
CA THR D 74 -17.29 19.97 -3.77
C THR D 74 -18.59 20.63 -4.28
N ARG D 75 -18.51 21.46 -5.32
CA ARG D 75 -19.72 22.11 -5.89
C ARG D 75 -20.48 21.13 -6.79
N THR D 76 -19.79 20.18 -7.42
CA THR D 76 -20.46 19.17 -8.26
C THR D 76 -20.36 17.79 -7.60
N THR D 77 -20.12 17.77 -6.28
CA THR D 77 -19.87 16.55 -5.49
C THR D 77 -19.20 15.46 -6.35
N THR D 78 -18.08 15.83 -6.96
CA THR D 78 -17.39 14.97 -7.91
C THR D 78 -15.92 14.78 -7.50
N ALA D 79 -15.50 13.52 -7.47
CA ALA D 79 -14.09 13.15 -7.30
C ALA D 79 -13.48 12.85 -8.67
N TYR D 80 -12.18 13.14 -8.83
CA TYR D 80 -11.47 12.90 -10.10
C TYR D 80 -10.20 12.08 -9.84
N MET D 81 -9.70 11.45 -10.90
CA MET D 81 -8.39 10.82 -10.92
C MET D 81 -7.73 11.03 -12.28
N GLU D 82 -6.56 11.67 -12.31
CA GLU D 82 -5.82 11.92 -13.56
C GLU D 82 -4.59 11.01 -13.61
N MET D 83 -4.37 10.32 -14.73
CA MET D 83 -3.13 9.54 -14.91
C MET D 83 -2.31 10.15 -16.05
N ARG D 84 -1.06 10.50 -15.76
CA ARG D 84 -0.14 10.99 -16.78
C ARG D 84 0.67 9.81 -17.31
N ASN D 85 1.02 9.92 -18.59
CA ASN D 85 1.97 9.03 -19.26
C ASN D 85 1.39 7.62 -19.34
N LEU D 86 0.39 7.47 -20.19
CA LEU D 86 -0.35 6.22 -20.27
C LEU D 86 0.51 5.15 -20.96
N ARG D 87 0.34 3.92 -20.48
CA ARG D 87 1.08 2.74 -20.91
C ARG D 87 0.08 1.70 -21.43
N PHE D 88 0.56 0.57 -21.90
CA PHE D 88 -0.37 -0.50 -22.26
C PHE D 88 -0.87 -1.17 -20.98
N ASP D 89 0.05 -1.48 -20.04
CA ASP D 89 -0.32 -2.04 -18.73
C ASP D 89 -1.56 -1.34 -18.15
N ASP D 90 -1.75 -0.07 -18.48
CA ASP D 90 -2.80 0.76 -17.86
C ASP D 90 -4.20 0.42 -18.41
N THR D 91 -4.28 -0.44 -19.43
CA THR D 91 -5.57 -0.92 -19.92
C THR D 91 -6.28 -1.66 -18.78
N ALA D 92 -7.41 -1.13 -18.34
CA ALA D 92 -7.99 -1.57 -17.07
C ALA D 92 -9.37 -0.93 -16.87
N ILE D 93 -10.10 -1.45 -15.89
CA ILE D 93 -11.31 -0.77 -15.40
C ILE D 93 -10.93 -0.06 -14.08
N TYR D 94 -11.35 1.19 -13.98
CA TYR D 94 -11.00 2.07 -12.87
C TYR D 94 -12.27 2.36 -12.06
N PHE D 95 -12.28 1.88 -10.82
CA PHE D 95 -13.43 2.03 -9.94
C PHE D 95 -13.15 3.13 -8.92
N CYS D 96 -14.22 3.84 -8.58
CA CYS D 96 -14.20 4.85 -7.51
C CYS D 96 -15.03 4.28 -6.35
N ALA D 97 -14.36 4.06 -5.22
CA ALA D 97 -14.96 3.38 -4.07
C ALA D 97 -15.07 4.34 -2.89
N ARG D 98 -16.25 4.37 -2.27
CA ARG D 98 -16.51 5.24 -1.11
C ARG D 98 -15.87 4.63 0.14
N GLU D 99 -15.40 5.51 1.02
CA GLU D 99 -14.48 5.17 2.08
C GLU D 99 -14.52 6.21 3.21
N PHE D 100 -13.55 6.18 4.14
CA PHE D 100 -13.56 7.07 5.33
C PHE D 100 -13.09 8.49 4.96
N ARG D 101 -13.59 9.54 5.63
CA ARG D 101 -13.24 10.95 5.26
C ARG D 101 -11.93 11.39 5.92
N THR D 102 -11.37 10.57 6.78
CA THR D 102 -10.23 10.95 7.55
C THR D 102 -9.39 9.72 7.89
N GLN D 103 -8.10 9.91 8.15
CA GLN D 103 -7.25 8.75 8.40
C GLN D 103 -7.34 8.31 9.86
N ILE D 104 -7.79 9.17 10.76
CA ILE D 104 -8.16 8.74 12.12
C ILE D 104 -9.69 8.83 12.24
N VAL D 105 -10.28 7.69 12.58
CA VAL D 105 -11.72 7.49 12.56
C VAL D 105 -12.13 7.20 14.00
N LEU D 106 -13.28 7.74 14.43
CA LEU D 106 -13.85 7.40 15.74
C LEU D 106 -15.14 6.61 15.51
N GLY D 107 -14.99 5.35 15.10
CA GLY D 107 -16.14 4.54 14.76
C GLY D 107 -16.75 3.91 16.00
N TYR D 108 -17.31 4.75 16.85
CA TYR D 108 -17.74 4.36 18.19
C TYR D 108 -19.16 3.77 18.17
N PHE D 109 -19.91 4.06 17.11
CA PHE D 109 -21.26 3.53 16.89
C PHE D 109 -21.37 3.08 15.45
N ASP D 110 -22.20 2.11 15.17
CA ASP D 110 -22.03 1.32 13.97
C ASP D 110 -22.72 1.98 12.77
N TRP D 111 -23.74 2.79 13.04
CA TRP D 111 -24.55 3.46 12.00
C TRP D 111 -23.92 4.79 11.54
N LEU D 112 -22.80 5.19 12.09
CA LEU D 112 -22.15 6.45 11.74
C LEU D 112 -21.74 6.43 10.27
N GLU D 113 -21.73 7.62 9.65
CA GLU D 113 -21.22 7.75 8.30
C GLU D 113 -19.75 7.29 8.28
N GLY D 114 -19.47 6.20 7.60
CA GLY D 114 -18.14 5.67 7.60
C GLY D 114 -18.01 4.52 6.63
N ASN D 115 -17.85 3.32 7.20
CA ASN D 115 -17.79 2.02 6.49
C ASN D 115 -17.11 2.08 5.11
N ALA D 116 -15.90 1.52 5.06
CA ALA D 116 -15.02 1.62 3.90
C ALA D 116 -15.45 0.61 2.83
N PHE D 117 -15.48 1.09 1.58
CA PHE D 117 -15.78 0.27 0.39
C PHE D 117 -17.23 -0.22 0.44
N ASP D 118 -18.13 0.62 0.91
CA ASP D 118 -19.52 0.24 1.09
C ASP D 118 -20.32 0.64 -0.15
N MET D 119 -19.75 1.48 -1.00
CA MET D 119 -20.43 1.99 -2.19
C MET D 119 -19.39 2.12 -3.30
N TRP D 120 -19.73 1.64 -4.49
CA TRP D 120 -18.79 1.58 -5.61
C TRP D 120 -19.43 2.22 -6.85
N GLY D 121 -18.60 2.83 -7.69
CA GLY D 121 -19.06 3.27 -9.00
C GLY D 121 -19.20 2.08 -9.94
N GLN D 122 -19.81 2.31 -11.09
CA GLN D 122 -20.01 1.27 -12.12
C GLN D 122 -18.70 0.96 -12.83
N GLY D 123 -17.70 1.83 -12.69
CA GLY D 123 -16.40 1.63 -13.31
C GLY D 123 -16.26 2.43 -14.60
N THR D 124 -15.00 2.76 -14.92
CA THR D 124 -14.65 3.42 -16.18
C THR D 124 -13.54 2.60 -16.84
N THR D 125 -13.79 2.10 -18.05
CA THR D 125 -12.76 1.43 -18.82
C THR D 125 -11.90 2.48 -19.53
N VAL D 126 -10.59 2.45 -19.27
CA VAL D 126 -9.60 3.17 -20.06
C VAL D 126 -8.85 2.13 -20.88
N ILE D 127 -8.89 2.27 -22.19
CA ILE D 127 -8.11 1.45 -23.12
C ILE D 127 -6.91 2.28 -23.60
N VAL D 128 -5.70 1.71 -23.50
CA VAL D 128 -4.48 2.40 -23.97
C VAL D 128 -3.84 1.61 -25.13
N SER D 129 -4.04 2.11 -26.33
CA SER D 129 -3.69 1.40 -27.55
C SER D 129 -3.44 2.42 -28.67
N SER D 130 -2.34 2.28 -29.40
CA SER D 130 -2.09 3.17 -30.54
C SER D 130 -2.75 2.59 -31.81
N ALA D 131 -3.84 1.84 -31.63
CA ALA D 131 -4.69 1.42 -32.74
C ALA D 131 -5.84 2.43 -32.89
N SER D 132 -6.65 2.30 -33.94
CA SER D 132 -7.74 3.25 -34.17
C SER D 132 -9.03 2.52 -34.58
N THR D 133 -10.13 3.25 -34.45
CA THR D 133 -11.48 2.71 -34.50
C THR D 133 -11.70 1.94 -35.81
N LYS D 134 -12.17 0.71 -35.67
CA LYS D 134 -12.30 -0.18 -36.81
C LYS D 134 -13.48 -1.14 -36.59
N GLY D 135 -14.34 -1.20 -37.60
CA GLY D 135 -15.44 -2.15 -37.61
C GLY D 135 -14.98 -3.54 -37.94
N PRO D 136 -15.72 -4.56 -37.46
CA PRO D 136 -15.33 -5.94 -37.63
C PRO D 136 -15.65 -6.49 -39.02
N SER D 137 -14.83 -7.44 -39.44
CA SER D 137 -15.21 -8.40 -40.46
C SER D 137 -16.00 -9.53 -39.78
N VAL D 138 -17.05 -10.01 -40.43
CA VAL D 138 -17.90 -11.07 -39.89
C VAL D 138 -17.88 -12.25 -40.87
N PHE D 139 -17.33 -13.38 -40.43
CA PHE D 139 -17.23 -14.58 -41.26
C PHE D 139 -18.04 -15.71 -40.65
N PRO D 140 -18.68 -16.54 -41.50
CA PRO D 140 -19.47 -17.67 -41.00
C PRO D 140 -18.57 -18.79 -40.46
N LEU D 141 -19.14 -19.58 -39.55
CA LEU D 141 -18.55 -20.84 -39.11
C LEU D 141 -19.53 -21.96 -39.49
N ALA D 142 -19.23 -22.63 -40.61
CA ALA D 142 -20.19 -23.46 -41.33
C ALA D 142 -20.35 -24.83 -40.64
N PRO D 143 -21.61 -25.29 -40.47
CA PRO D 143 -21.91 -26.61 -39.90
C PRO D 143 -21.71 -27.79 -40.87
N SER D 144 -21.56 -29.00 -40.30
CA SER D 144 -21.38 -30.25 -41.08
C SER D 144 -22.55 -30.49 -42.04
N GLY D 150 -28.42 -36.59 -38.43
CA GLY D 150 -29.01 -36.41 -37.11
C GLY D 150 -27.97 -36.01 -36.08
N GLY D 151 -28.45 -35.47 -34.96
CA GLY D 151 -27.60 -35.03 -33.83
C GLY D 151 -27.85 -33.58 -33.46
N THR D 152 -26.99 -33.03 -32.61
CA THR D 152 -27.01 -31.58 -32.32
C THR D 152 -25.93 -30.90 -33.17
N ALA D 153 -26.36 -29.97 -34.02
CA ALA D 153 -25.46 -29.26 -34.95
C ALA D 153 -24.88 -28.02 -34.26
N ALA D 154 -23.66 -27.64 -34.64
CA ALA D 154 -22.99 -26.45 -34.09
C ALA D 154 -22.56 -25.52 -35.23
N LEU D 155 -22.92 -24.24 -35.11
CA LEU D 155 -22.55 -23.23 -36.10
C LEU D 155 -22.18 -21.94 -35.37
N GLY D 156 -21.87 -20.88 -36.11
CA GLY D 156 -21.56 -19.60 -35.47
C GLY D 156 -20.95 -18.58 -36.43
N CYS D 157 -20.57 -17.45 -35.85
CA CYS D 157 -19.97 -16.33 -36.58
C CYS D 157 -18.58 -16.02 -36.00
N LEU D 158 -17.69 -15.50 -36.84
CA LEU D 158 -16.35 -15.06 -36.41
C LEU D 158 -16.23 -13.54 -36.61
N VAL D 159 -16.36 -12.81 -35.51
CA VAL D 159 -16.35 -11.34 -35.52
C VAL D 159 -14.92 -10.85 -35.28
N LYS D 160 -14.26 -10.36 -36.32
CA LYS D 160 -12.79 -10.29 -36.31
C LYS D 160 -12.29 -8.89 -36.68
N ASP D 161 -11.15 -8.55 -36.07
CA ASP D 161 -10.33 -7.38 -36.42
C ASP D 161 -11.15 -6.11 -36.24
N TYR D 162 -11.59 -5.89 -34.99
CA TYR D 162 -12.35 -4.69 -34.63
C TYR D 162 -11.70 -4.00 -33.43
N PHE D 163 -12.11 -2.76 -33.21
CA PHE D 163 -11.55 -1.93 -32.16
C PHE D 163 -12.37 -0.64 -32.04
N PRO D 164 -12.65 -0.17 -30.82
CA PRO D 164 -12.35 -0.86 -29.56
C PRO D 164 -13.46 -1.86 -29.18
N GLU D 165 -13.33 -2.49 -28.02
CA GLU D 165 -14.45 -3.23 -27.42
C GLU D 165 -15.58 -2.25 -27.08
N PRO D 166 -16.83 -2.71 -27.06
CA PRO D 166 -17.25 -4.09 -27.31
C PRO D 166 -18.00 -4.26 -28.65
N VAL D 167 -18.31 -5.52 -28.96
CA VAL D 167 -19.30 -5.83 -29.99
C VAL D 167 -20.45 -6.58 -29.32
N THR D 168 -21.67 -6.27 -29.74
CA THR D 168 -22.84 -7.07 -29.37
C THR D 168 -23.13 -8.03 -30.52
N VAL D 169 -23.57 -9.23 -30.17
CA VAL D 169 -23.97 -10.22 -31.14
C VAL D 169 -25.34 -10.75 -30.74
N SER D 170 -26.23 -10.86 -31.72
CA SER D 170 -27.51 -11.49 -31.52
C SER D 170 -27.80 -12.38 -32.72
N TRP D 171 -28.84 -13.21 -32.61
CA TRP D 171 -29.26 -14.10 -33.72
C TRP D 171 -30.72 -13.81 -34.10
N ASN D 172 -30.98 -13.76 -35.41
CA ASN D 172 -32.33 -13.60 -35.94
C ASN D 172 -33.06 -12.51 -35.15
N SER D 173 -32.46 -11.33 -35.12
CA SER D 173 -33.04 -10.14 -34.45
C SER D 173 -33.36 -10.44 -32.97
N GLY D 174 -32.58 -11.31 -32.34
CA GLY D 174 -32.75 -11.64 -30.92
C GLY D 174 -33.82 -12.71 -30.68
N ALA D 175 -34.13 -13.53 -31.69
CA ALA D 175 -35.20 -14.53 -31.61
C ALA D 175 -34.66 -15.83 -30.99
N LEU D 176 -33.51 -16.28 -31.47
CA LEU D 176 -32.81 -17.43 -30.92
C LEU D 176 -31.89 -16.97 -29.78
N THR D 177 -32.04 -17.54 -28.58
CA THR D 177 -31.17 -17.17 -27.45
C THR D 177 -30.59 -18.41 -26.73
N SER D 178 -31.37 -19.47 -26.56
CA SER D 178 -30.86 -20.65 -25.84
C SER D 178 -30.01 -21.52 -26.78
N GLY D 179 -28.95 -22.11 -26.22
CA GLY D 179 -27.94 -22.82 -26.99
C GLY D 179 -26.74 -21.95 -27.32
N VAL D 180 -26.90 -20.63 -27.19
CA VAL D 180 -25.94 -19.64 -27.73
C VAL D 180 -24.75 -19.50 -26.77
N HIS D 181 -23.60 -19.13 -27.32
CA HIS D 181 -22.42 -18.77 -26.56
C HIS D 181 -21.61 -17.73 -27.33
N THR D 182 -21.75 -16.46 -26.93
CA THR D 182 -20.89 -15.38 -27.41
C THR D 182 -19.66 -15.29 -26.49
N PHE D 183 -18.48 -15.60 -27.02
CA PHE D 183 -17.26 -15.72 -26.22
C PHE D 183 -16.69 -14.33 -25.87
N PRO D 184 -15.94 -14.25 -24.76
CA PRO D 184 -15.19 -13.02 -24.48
C PRO D 184 -14.10 -12.82 -25.54
N ALA D 185 -13.89 -11.57 -25.92
CA ALA D 185 -12.93 -11.24 -26.97
C ALA D 185 -11.50 -11.48 -26.49
N VAL D 186 -10.59 -11.60 -27.46
CA VAL D 186 -9.15 -11.66 -27.23
C VAL D 186 -8.52 -10.48 -27.95
N LEU D 187 -7.35 -10.05 -27.48
CA LEU D 187 -6.59 -8.99 -28.14
C LEU D 187 -5.47 -9.64 -28.96
N GLN D 188 -5.55 -9.51 -30.29
CA GLN D 188 -4.57 -10.12 -31.21
C GLN D 188 -3.25 -9.35 -31.12
N SER D 189 -2.17 -9.95 -31.63
CA SER D 189 -0.85 -9.30 -31.67
C SER D 189 -0.91 -7.99 -32.48
N SER D 190 -1.83 -7.92 -33.42
CA SER D 190 -2.05 -6.76 -34.29
C SER D 190 -2.61 -5.55 -33.52
N GLY D 191 -3.19 -5.77 -32.33
CA GLY D 191 -3.80 -4.68 -31.56
C GLY D 191 -5.31 -4.59 -31.76
N LEU D 192 -5.86 -5.48 -32.58
CA LEU D 192 -7.30 -5.55 -32.81
C LEU D 192 -7.89 -6.73 -32.03
N TYR D 193 -9.16 -6.60 -31.64
CA TYR D 193 -9.87 -7.68 -30.94
C TYR D 193 -10.63 -8.56 -31.94
N SER D 194 -10.94 -9.75 -31.46
CA SER D 194 -11.64 -10.76 -32.22
C SER D 194 -12.39 -11.68 -31.25
N LEU D 195 -13.59 -12.11 -31.62
CA LEU D 195 -14.31 -13.14 -30.87
C LEU D 195 -15.13 -13.98 -31.86
N SER D 196 -15.78 -15.01 -31.34
CA SER D 196 -16.75 -15.76 -32.14
C SER D 196 -17.98 -16.07 -31.29
N SER D 197 -19.14 -16.08 -31.96
CA SER D 197 -20.42 -16.37 -31.32
C SER D 197 -20.99 -17.67 -31.91
N VAL D 198 -21.14 -18.71 -31.08
CA VAL D 198 -21.58 -20.03 -31.56
C VAL D 198 -22.95 -20.37 -30.96
N VAL D 199 -23.67 -21.28 -31.62
CA VAL D 199 -24.98 -21.72 -31.14
C VAL D 199 -25.22 -23.16 -31.62
N THR D 200 -25.68 -24.04 -30.72
CA THR D 200 -26.04 -25.40 -31.12
C THR D 200 -27.54 -25.48 -31.43
N VAL D 201 -27.85 -26.23 -32.48
CA VAL D 201 -29.20 -26.40 -32.99
C VAL D 201 -29.38 -27.88 -33.39
N PRO D 202 -30.64 -28.27 -33.67
CA PRO D 202 -30.93 -29.60 -34.21
C PRO D 202 -30.40 -29.77 -35.65
N SER D 203 -29.86 -30.95 -35.95
CA SER D 203 -29.43 -31.31 -37.31
C SER D 203 -30.56 -31.06 -38.31
N SER D 204 -31.80 -31.38 -37.92
CA SER D 204 -32.97 -31.27 -38.79
C SER D 204 -33.46 -29.81 -38.90
N SER D 205 -32.54 -28.85 -38.86
CA SER D 205 -32.87 -27.42 -39.02
C SER D 205 -32.15 -26.83 -40.25
N LEU D 206 -31.02 -27.43 -40.62
CA LEU D 206 -30.17 -26.88 -41.69
C LEU D 206 -30.95 -26.94 -43.01
N GLY D 207 -31.06 -25.80 -43.70
CA GLY D 207 -31.89 -25.68 -44.90
C GLY D 207 -33.33 -25.29 -44.56
N THR D 208 -33.90 -25.92 -43.54
CA THR D 208 -35.27 -25.60 -43.09
C THR D 208 -35.29 -24.23 -42.41
N GLN D 209 -34.27 -23.93 -41.61
CA GLN D 209 -34.21 -22.72 -40.76
C GLN D 209 -33.04 -21.83 -41.21
N THR D 210 -33.31 -20.53 -41.37
CA THR D 210 -32.28 -19.55 -41.72
C THR D 210 -31.70 -18.95 -40.44
N TYR D 211 -30.39 -19.10 -40.28
CA TYR D 211 -29.67 -18.62 -39.09
C TYR D 211 -28.72 -17.47 -39.50
N ILE D 212 -28.99 -16.31 -38.92
CA ILE D 212 -28.24 -15.07 -39.20
C ILE D 212 -27.77 -14.49 -37.86
N CYS D 213 -26.48 -14.15 -37.76
CA CYS D 213 -25.98 -13.42 -36.59
C CYS D 213 -25.96 -11.92 -36.89
N ASN D 214 -26.46 -11.15 -35.95
CA ASN D 214 -26.55 -9.71 -36.04
C ASN D 214 -25.40 -9.11 -35.23
N VAL D 215 -24.53 -8.37 -35.91
CA VAL D 215 -23.32 -7.87 -35.33
C VAL D 215 -23.36 -6.34 -35.36
N ASN D 216 -23.35 -5.75 -34.17
CA ASN D 216 -23.33 -4.31 -34.01
C ASN D 216 -22.03 -3.92 -33.31
N HIS D 217 -21.36 -2.91 -33.87
CA HIS D 217 -20.19 -2.32 -33.25
C HIS D 217 -20.48 -0.82 -33.02
N LYS D 218 -20.88 -0.50 -31.78
CA LYS D 218 -21.38 0.83 -31.42
C LYS D 218 -20.30 1.90 -31.64
N PRO D 219 -19.02 1.61 -31.30
CA PRO D 219 -17.95 2.62 -31.42
C PRO D 219 -17.67 3.16 -32.82
N SER D 220 -18.01 2.41 -33.88
CA SER D 220 -17.83 2.84 -35.28
C SER D 220 -19.17 2.97 -36.02
N ASN D 221 -20.26 2.60 -35.35
CA ASN D 221 -21.63 2.58 -35.91
C ASN D 221 -21.72 1.57 -37.05
N THR D 222 -20.89 0.51 -37.02
CA THR D 222 -20.87 -0.48 -38.12
C THR D 222 -21.77 -1.67 -37.78
N LYS D 223 -22.86 -1.82 -38.52
CA LYS D 223 -23.82 -2.92 -38.35
C LYS D 223 -23.67 -3.92 -39.51
N VAL D 224 -23.67 -5.21 -39.19
CA VAL D 224 -23.54 -6.27 -40.20
C VAL D 224 -24.40 -7.47 -39.79
N ASP D 225 -25.18 -8.00 -40.73
CA ASP D 225 -25.92 -9.26 -40.57
C ASP D 225 -25.32 -10.29 -41.53
N LYS D 226 -24.94 -11.47 -41.03
CA LYS D 226 -24.35 -12.48 -41.92
C LYS D 226 -25.02 -13.84 -41.70
N LYS D 227 -25.67 -14.31 -42.76
CA LYS D 227 -26.34 -15.62 -42.77
C LYS D 227 -25.27 -16.72 -42.79
N VAL D 228 -25.52 -17.77 -42.02
CA VAL D 228 -24.65 -18.94 -41.97
C VAL D 228 -25.35 -20.10 -42.68
N GLU D 229 -24.76 -20.57 -43.77
CA GLU D 229 -25.31 -21.65 -44.60
C GLU D 229 -24.46 -22.91 -44.44
N PRO D 230 -25.09 -24.10 -44.44
CA PRO D 230 -24.34 -25.35 -44.35
C PRO D 230 -23.44 -25.55 -45.58
N LYS D 231 -22.30 -26.22 -45.39
CA LYS D 231 -21.37 -26.49 -46.48
C LYS D 231 -20.85 -27.94 -46.36
C1 NAG E . 6.79 0.28 7.94
C2 NAG E . 6.30 -1.03 7.34
C3 NAG E . 7.05 -1.32 6.04
C4 NAG E . 7.08 -0.10 5.11
C5 NAG E . 7.50 1.21 5.80
C6 NAG E . 7.11 2.36 4.87
C7 NAG E . 5.53 -2.64 9.05
C8 NAG E . 5.96 -3.72 10.02
N2 NAG E . 6.50 -2.12 8.30
O3 NAG E . 6.42 -2.41 5.36
O4 NAG E . 7.94 -0.35 3.97
O5 NAG E . 6.84 1.41 7.06
O6 NAG E . 7.75 3.59 5.24
O7 NAG E . 4.36 -2.29 8.99
C1 NAG E . 7.19 -0.67 2.77
C2 NAG E . 7.79 0.03 1.55
C3 NAG E . 8.13 -0.99 0.48
C4 NAG E . 8.96 -2.11 1.10
C5 NAG E . 8.18 -2.87 2.16
C6 NAG E . 9.09 -3.31 3.30
C7 NAG E . 7.16 2.35 0.80
C8 NAG E . 8.51 2.90 1.16
N2 NAG E . 6.89 1.04 0.99
O3 NAG E . 8.85 -0.38 -0.61
O4 NAG E . 9.39 -3.02 0.08
O5 NAG E . 7.05 -2.10 2.62
O6 NAG E . 8.36 -3.88 4.40
O7 NAG E . 6.31 3.09 0.34
C1 NAG F . 43.14 13.46 -16.61
C2 NAG F . 43.74 14.83 -16.88
C3 NAG F . 42.79 15.58 -17.82
C4 NAG F . 42.55 14.79 -19.09
C5 NAG F . 42.04 13.39 -18.74
C6 NAG F . 41.89 12.47 -19.94
C7 NAG F . 44.53 16.70 -15.50
C8 NAG F . 44.99 17.09 -14.13
N2 NAG F . 44.01 15.48 -15.60
O3 NAG F . 43.33 16.86 -18.18
O4 NAG F . 41.59 15.50 -19.86
O5 NAG F . 42.96 12.77 -17.85
O6 NAG F . 43.20 12.15 -20.39
O7 NAG F . 44.69 17.45 -16.44
C1 NAG F . 42.00 15.59 -21.24
C2 NAG F . 40.77 15.85 -22.10
C3 NAG F . 41.16 15.98 -23.57
C4 NAG F . 42.33 16.94 -23.74
C5 NAG F . 43.47 16.58 -22.80
C6 NAG F . 44.64 17.57 -22.92
C7 NAG F . 38.73 14.87 -21.16
C8 NAG F . 37.72 13.77 -21.30
N2 NAG F . 39.77 14.81 -21.99
O3 NAG F . 40.04 16.43 -24.33
O4 NAG F . 42.76 16.89 -25.09
O5 NAG F . 43.00 16.58 -21.46
O6 NAG F . 45.60 17.27 -21.92
O7 NAG F . 38.59 15.78 -20.35
C1 BMA F . 42.47 18.10 -25.78
C2 BMA F . 43.75 18.65 -26.40
C3 BMA F . 43.46 19.98 -27.10
C4 BMA F . 42.24 19.88 -28.03
C5 BMA F . 41.07 19.17 -27.34
C6 BMA F . 39.92 18.92 -28.31
O2 BMA F . 44.27 17.70 -27.34
O3 BMA F . 44.62 20.38 -27.86
O4 BMA F . 41.83 21.19 -28.42
O5 BMA F . 41.50 17.92 -26.80
O6 BMA F . 39.01 17.98 -27.73
C1 FUC F . 43.22 11.62 -21.73
C2 FUC F . 44.58 11.95 -22.32
C3 FUC F . 45.65 11.25 -21.51
C4 FUC F . 45.36 9.76 -21.49
C5 FUC F . 43.95 9.50 -20.96
C6 FUC F . 43.60 8.02 -20.95
O2 FUC F . 44.79 13.36 -22.30
O3 FUC F . 46.95 11.52 -22.06
O4 FUC F . 45.46 9.25 -22.82
O5 FUC F . 43.00 10.21 -21.76
C1 NAG G . -40.68 11.51 11.90
C2 NAG G . -40.64 11.21 10.40
C3 NAG G . -42.03 10.92 9.81
C4 NAG G . -42.96 10.12 10.74
C5 NAG G . -42.83 10.52 12.20
C6 NAG G . -43.64 9.64 13.15
C7 NAG G . -38.74 12.57 9.54
C8 NAG G . -38.38 13.83 8.80
N2 NAG G . -40.06 12.35 9.67
O3 NAG G . -41.87 10.21 8.58
O4 NAG G . -44.32 10.34 10.30
O5 NAG G . -41.45 10.51 12.58
O6 NAG G . -43.52 8.24 12.85
O7 NAG G . -37.88 11.83 9.98
C1 NAG G . -45.11 9.14 10.19
C2 NAG G . -46.45 9.48 9.54
C3 NAG G . -47.30 8.23 9.29
C4 NAG G . -46.50 7.04 8.75
C5 NAG G . -45.16 6.88 9.48
C6 NAG G . -44.30 5.81 8.80
C7 NAG G . -47.28 11.72 10.18
C8 NAG G . -48.11 12.49 11.17
N2 NAG G . -47.20 10.40 10.39
O3 NAG G . -48.34 8.53 8.36
O4 NAG G . -47.28 5.85 8.92
O5 NAG G . -44.46 8.11 9.45
O6 NAG G . -43.74 4.94 9.79
O7 NAG G . -46.72 12.29 9.25
C1 NAG H . -5.57 7.42 39.18
C2 NAG H . -6.02 5.98 39.40
C3 NAG H . -4.86 5.15 39.95
C4 NAG H . -3.67 5.26 38.99
C5 NAG H . -3.31 6.73 38.74
C6 NAG H . -2.18 6.84 37.71
C7 NAG H . -8.39 5.49 39.91
C8 NAG H . -9.50 5.61 40.92
N2 NAG H . -7.19 5.97 40.28
O3 NAG H . -5.18 3.76 40.09
O4 NAG H . -2.56 4.53 39.55
O5 NAG H . -4.46 7.47 38.28
O6 NAG H . -2.32 8.04 36.93
O7 NAG H . -8.59 5.00 38.81
C1 NAG I . -17.87 -4.02 28.25
C2 NAG I . -17.00 -5.27 28.48
C3 NAG I . -16.88 -6.04 27.16
C4 NAG I . -18.26 -6.39 26.60
C5 NAG I . -19.19 -5.17 26.53
C6 NAG I . -20.65 -5.56 26.29
C7 NAG I . -14.48 -4.99 28.69
C8 NAG I . -13.43 -4.45 29.61
N2 NAG I . -15.74 -4.88 29.15
O3 NAG I . -16.13 -7.26 27.34
O4 NAG I . -18.09 -6.94 25.30
O5 NAG I . -19.16 -4.43 27.76
O6 NAG I . -20.77 -6.35 25.11
O7 NAG I . -14.17 -5.49 27.62
C1 NAG J . 72.42 -3.63 -3.52
C2 NAG J . 72.59 -4.61 -4.68
C3 NAG J . 74.07 -4.85 -5.01
C4 NAG J . 74.85 -3.52 -5.09
C5 NAG J . 74.60 -2.70 -3.84
C6 NAG J . 75.38 -1.38 -3.79
C7 NAG J . 71.59 -6.79 -5.25
C8 NAG J . 70.87 -7.99 -4.71
N2 NAG J . 71.91 -5.86 -4.34
O3 NAG J . 74.22 -5.57 -6.23
O4 NAG J . 76.24 -3.79 -5.27
O5 NAG J . 73.19 -2.43 -3.75
O6 NAG J . 74.71 -0.37 -4.56
O7 NAG J . 71.87 -6.67 -6.43
#